data_5LU1
#
_entry.id   5LU1
#
_cell.length_a   55.610
_cell.length_b   104.010
_cell.length_c   123.070
_cell.angle_alpha   90.000
_cell.angle_beta   93.890
_cell.angle_gamma   90.000
#
_symmetry.space_group_name_H-M   'P 1 21 1'
#
loop_
_entity.id
_entity.type
_entity.pdbx_description
1 polymer '14-3-3 protein sigma'
2 polymer 'Heat shock protein beta-6'
3 non-polymer 2-AMINO-2-HYDROXYMETHYL-PROPANE-1,3-DIOL
4 water water
#
loop_
_entity_poly.entity_id
_entity_poly.type
_entity_poly.pdbx_seq_one_letter_code
_entity_poly.pdbx_strand_id
1 'polypeptide(L)'
;GPHMERASLIQKAKLAEQAERYEDMAAFMKGAVEKGEELSCEERNLLSVAYKNVVGGQRAAWRVLSSIEQKSNEEGSAAA
GPEVREYREKVETELQGVCDTVLGLLDSHLIKEAGDAESRVFYLKMKGDYYRYLAEVATGDDKKRIIDSARSAYQEAMDI
SKKEMPPTNPIRLGLALNFSVFHYEIANSPEEAISLAKTTFDEAMADLHTLSEDSYKDSTLIMQLLRDNLTLWT
;
A,B,E,F
2 'polypeptide(L)' RRA(SEP)APLP C,D,G,H
#
# COMPACT_ATOMS: atom_id res chain seq x y z
N GLU A 5 1.81 -21.83 -4.00
CA GLU A 5 0.37 -21.58 -3.89
C GLU A 5 0.01 -21.07 -2.49
N ARG A 6 -1.15 -20.37 -2.40
CA ARG A 6 -1.69 -19.76 -1.18
C ARG A 6 -1.86 -20.78 -0.05
N ALA A 7 -2.42 -21.96 -0.38
CA ALA A 7 -2.69 -23.04 0.58
C ALA A 7 -1.39 -23.56 1.16
N SER A 8 -0.34 -23.66 0.31
CA SER A 8 0.99 -24.10 0.72
C SER A 8 1.62 -23.11 1.68
N LEU A 9 1.51 -21.80 1.38
CA LEU A 9 2.05 -20.71 2.20
C LEU A 9 1.40 -20.69 3.58
N ILE A 10 0.08 -20.98 3.64
CA ILE A 10 -0.63 -20.99 4.91
C ILE A 10 -0.19 -22.21 5.74
N GLN A 11 0.00 -23.37 5.07
CA GLN A 11 0.45 -24.58 5.74
C GLN A 11 1.84 -24.37 6.32
N LYS A 12 2.74 -23.76 5.52
CA LYS A 12 4.10 -23.42 5.91
C LYS A 12 4.14 -22.44 7.10
N ALA A 13 3.23 -21.45 7.13
CA ALA A 13 3.09 -20.47 8.22
C ALA A 13 2.66 -21.19 9.51
N LYS A 14 1.79 -22.20 9.40
CA LYS A 14 1.33 -23.01 10.51
C LYS A 14 2.47 -23.88 11.04
N LEU A 15 3.31 -24.40 10.14
CA LEU A 15 4.51 -25.18 10.47
C LEU A 15 5.54 -24.28 11.16
N ALA A 16 5.75 -23.05 10.63
CA ALA A 16 6.67 -22.06 11.19
C ALA A 16 6.22 -21.63 12.60
N GLU A 17 4.91 -21.59 12.83
CA GLU A 17 4.35 -21.26 14.15
C GLU A 17 4.67 -22.36 15.16
N GLN A 18 4.49 -23.64 14.76
CA GLN A 18 4.81 -24.82 15.57
C GLN A 18 6.31 -24.85 15.94
N ALA A 19 7.17 -24.49 14.96
CA ALA A 19 8.62 -24.46 15.06
C ALA A 19 9.09 -23.16 15.75
N GLU A 20 8.17 -22.21 16.01
CA GLU A 20 8.43 -20.91 16.62
C GLU A 20 9.43 -20.04 15.82
N ARG A 21 9.31 -20.12 14.48
CA ARG A 21 10.12 -19.37 13.51
C ARG A 21 9.22 -18.29 12.96
N TYR A 22 9.05 -17.24 13.77
CA TYR A 22 8.12 -16.15 13.50
C TYR A 22 8.51 -15.29 12.33
N GLU A 23 9.82 -15.16 11.99
CA GLU A 23 10.20 -14.37 10.80
C GLU A 23 9.80 -15.13 9.55
N ASP A 24 9.92 -16.48 9.59
CA ASP A 24 9.49 -17.37 8.50
C ASP A 24 7.97 -17.32 8.36
N MET A 25 7.27 -17.43 9.50
CA MET A 25 5.81 -17.36 9.60
C MET A 25 5.28 -16.06 8.97
N ALA A 26 5.94 -14.92 9.28
CA ALA A 26 5.61 -13.60 8.76
C ALA A 26 5.81 -13.58 7.25
N ALA A 27 6.93 -14.12 6.75
CA ALA A 27 7.24 -14.19 5.31
C ALA A 27 6.23 -15.02 4.54
N PHE A 28 5.81 -16.17 5.09
CA PHE A 28 4.78 -17.04 4.50
C PHE A 28 3.43 -16.35 4.46
N MET A 29 3.07 -15.67 5.54
CA MET A 29 1.80 -14.92 5.69
C MET A 29 1.76 -13.72 4.75
N LYS A 30 2.92 -13.02 4.56
CA LYS A 30 3.03 -11.90 3.64
C LYS A 30 2.73 -12.40 2.24
N GLY A 31 3.35 -13.51 1.84
CA GLY A 31 3.17 -14.14 0.55
C GLY A 31 1.75 -14.57 0.31
N ALA A 32 1.10 -15.12 1.34
CA ALA A 32 -0.30 -15.57 1.32
C ALA A 32 -1.20 -14.38 1.09
N VAL A 33 -1.00 -13.27 1.81
CA VAL A 33 -1.76 -12.03 1.69
C VAL A 33 -1.61 -11.46 0.26
N GLU A 34 -0.41 -11.53 -0.31
CA GLU A 34 -0.11 -11.03 -1.64
C GLU A 34 -0.75 -11.83 -2.77
N LYS A 35 -1.36 -13.00 -2.47
CA LYS A 35 -2.11 -13.78 -3.45
C LYS A 35 -3.43 -13.09 -3.82
N GLY A 36 -3.90 -12.22 -2.92
CA GLY A 36 -5.07 -11.38 -3.17
C GLY A 36 -6.39 -11.80 -2.57
N GLU A 37 -6.46 -12.97 -1.95
CA GLU A 37 -7.71 -13.43 -1.35
C GLU A 37 -7.89 -12.82 0.05
N GLU A 38 -9.15 -12.67 0.49
CA GLU A 38 -9.48 -12.17 1.82
C GLU A 38 -8.97 -13.19 2.82
N LEU A 39 -8.53 -12.73 4.00
CA LEU A 39 -8.06 -13.66 5.02
C LEU A 39 -9.24 -14.07 5.87
N SER A 40 -9.26 -15.34 6.27
CA SER A 40 -10.24 -15.87 7.19
C SER A 40 -9.82 -15.44 8.61
N CYS A 41 -10.70 -15.62 9.61
CA CYS A 41 -10.43 -15.28 11.00
C CYS A 41 -9.13 -15.99 11.49
N GLU A 42 -8.97 -17.29 11.13
CA GLU A 42 -7.79 -18.10 11.46
C GLU A 42 -6.54 -17.49 10.81
N GLU A 43 -6.61 -17.11 9.52
CA GLU A 43 -5.51 -16.50 8.75
C GLU A 43 -5.11 -15.13 9.26
N ARG A 44 -6.09 -14.28 9.68
CA ARG A 44 -5.86 -12.94 10.26
C ARG A 44 -5.00 -13.11 11.49
N ASN A 45 -5.38 -14.09 12.33
CA ASN A 45 -4.70 -14.42 13.56
C ASN A 45 -3.30 -14.95 13.33
N LEU A 46 -3.08 -15.75 12.25
CA LEU A 46 -1.75 -16.23 11.86
C LEU A 46 -0.86 -15.04 11.48
N LEU A 47 -1.38 -14.12 10.67
CA LEU A 47 -0.68 -12.92 10.25
C LEU A 47 -0.28 -12.05 11.47
N SER A 48 -1.24 -11.82 12.39
CA SER A 48 -1.07 -11.03 13.59
C SER A 48 -0.03 -11.64 14.52
N VAL A 49 -0.14 -12.94 14.78
CA VAL A 49 0.80 -13.68 15.63
C VAL A 49 2.23 -13.58 15.09
N ALA A 50 2.40 -13.81 13.78
CA ALA A 50 3.68 -13.77 13.09
C ALA A 50 4.41 -12.42 13.31
N TYR A 51 3.76 -11.32 12.91
CA TYR A 51 4.36 -10.00 12.97
C TYR A 51 4.48 -9.41 14.38
N LYS A 52 3.52 -9.72 15.28
CA LYS A 52 3.59 -9.24 16.65
C LYS A 52 4.76 -9.92 17.40
N ASN A 53 5.05 -11.18 17.06
CA ASN A 53 6.20 -11.85 17.63
C ASN A 53 7.52 -11.27 17.12
N VAL A 54 7.60 -10.99 15.82
CA VAL A 54 8.80 -10.38 15.23
C VAL A 54 9.05 -9.00 15.83
N VAL A 55 8.05 -8.11 15.79
CA VAL A 55 8.16 -6.73 16.23
C VAL A 55 8.34 -6.66 17.77
N GLY A 56 7.70 -7.57 18.50
CA GLY A 56 7.78 -7.65 19.96
C GLY A 56 9.19 -7.94 20.41
N GLY A 57 9.85 -8.81 19.64
CA GLY A 57 11.25 -9.17 19.83
C GLY A 57 12.15 -7.95 19.68
N GLN A 58 11.96 -7.23 18.58
CA GLN A 58 12.69 -6.01 18.21
C GLN A 58 12.50 -4.86 19.18
N ARG A 59 11.25 -4.64 19.61
CA ARG A 59 10.87 -3.60 20.59
C ARG A 59 11.55 -3.85 21.95
N ALA A 60 11.52 -5.09 22.43
CA ALA A 60 12.17 -5.46 23.68
C ALA A 60 13.69 -5.22 23.61
N ALA A 61 14.34 -5.56 22.46
CA ALA A 61 15.77 -5.37 22.20
C ALA A 61 16.08 -3.87 22.18
N TRP A 62 15.26 -3.10 21.45
CA TRP A 62 15.37 -1.65 21.35
C TRP A 62 15.31 -1.02 22.76
N ARG A 63 14.36 -1.43 23.60
CA ARG A 63 14.19 -0.94 24.98
C ARG A 63 15.41 -1.22 25.81
N VAL A 64 16.00 -2.42 25.69
CA VAL A 64 17.23 -2.81 26.39
C VAL A 64 18.38 -1.83 26.03
N LEU A 65 18.66 -1.70 24.73
CA LEU A 65 19.69 -0.83 24.17
C LEU A 65 19.52 0.62 24.51
N SER A 66 18.27 1.13 24.39
CA SER A 66 17.93 2.54 24.67
C SER A 66 18.16 2.85 26.16
N SER A 67 17.86 1.89 27.04
CA SER A 67 18.07 1.94 28.48
C SER A 67 19.58 2.06 28.79
N ILE A 68 20.41 1.20 28.19
CA ILE A 68 21.88 1.25 28.33
C ILE A 68 22.40 2.61 27.87
N GLU A 69 22.02 3.05 26.63
CA GLU A 69 22.37 4.33 25.98
C GLU A 69 22.13 5.55 26.88
N GLN A 70 20.98 5.55 27.60
CA GLN A 70 20.58 6.60 28.55
C GLN A 70 21.45 6.54 29.80
N LYS A 71 21.65 5.33 30.40
CA LYS A 71 22.49 5.14 31.60
C LYS A 71 23.94 5.57 31.32
N SER A 72 24.42 5.35 30.08
CA SER A 72 25.76 5.68 29.58
C SER A 72 26.10 7.18 29.68
N ASN A 73 25.07 8.03 29.90
CA ASN A 73 25.21 9.49 29.96
C ASN A 73 24.84 10.09 31.37
N GLU A 74 25.83 10.40 32.28
CA GLU A 74 27.31 10.25 32.29
C GLU A 74 27.99 10.23 30.90
N ALA A 80 31.20 7.01 25.93
CA ALA A 80 29.85 6.59 26.33
C ALA A 80 29.54 5.07 26.13
N GLY A 81 29.83 4.43 24.98
CA GLY A 81 30.47 4.95 23.77
C GLY A 81 29.60 4.92 22.52
N PRO A 82 30.22 5.01 21.32
CA PRO A 82 29.43 5.04 20.07
C PRO A 82 28.67 3.73 19.73
N GLU A 83 29.20 2.58 20.19
CA GLU A 83 28.66 1.25 19.91
C GLU A 83 27.19 1.09 20.24
N VAL A 84 26.74 1.57 21.43
CA VAL A 84 25.32 1.44 21.84
C VAL A 84 24.41 2.20 20.89
N ARG A 85 24.79 3.45 20.53
CA ARG A 85 24.01 4.28 19.62
C ARG A 85 23.90 3.59 18.26
N GLU A 86 25.04 3.18 17.70
CA GLU A 86 25.12 2.51 16.41
C GLU A 86 24.27 1.25 16.36
N TYR A 87 24.37 0.41 17.41
CA TYR A 87 23.65 -0.84 17.50
C TYR A 87 22.17 -0.62 17.72
N ARG A 88 21.79 0.35 18.58
CA ARG A 88 20.39 0.74 18.82
C ARG A 88 19.77 1.23 17.49
N GLU A 89 20.53 1.99 16.69
CA GLU A 89 20.11 2.48 15.39
C GLU A 89 19.88 1.33 14.40
N LYS A 90 20.69 0.27 14.45
CA LYS A 90 20.55 -0.90 13.58
C LYS A 90 19.25 -1.65 13.89
N VAL A 91 18.96 -1.82 15.18
CA VAL A 91 17.77 -2.51 15.68
C VAL A 91 16.52 -1.72 15.30
N GLU A 92 16.61 -0.41 15.47
CA GLU A 92 15.59 0.57 15.14
C GLU A 92 15.22 0.51 13.66
N THR A 93 16.21 0.42 12.78
CA THR A 93 16.03 0.32 11.33
C THR A 93 15.34 -0.98 10.97
N GLU A 94 15.70 -2.10 11.62
CA GLU A 94 15.07 -3.39 11.37
C GLU A 94 13.62 -3.37 11.83
N LEU A 95 13.32 -2.76 12.99
CA LEU A 95 11.97 -2.59 13.56
C LEU A 95 11.13 -1.75 12.60
N GLN A 96 11.68 -0.64 12.11
CA GLN A 96 11.02 0.26 11.17
C GLN A 96 10.63 -0.46 9.87
N GLY A 97 11.50 -1.33 9.38
CA GLY A 97 11.26 -2.13 8.19
C GLY A 97 10.13 -3.13 8.35
N VAL A 98 10.02 -3.75 9.53
CA VAL A 98 8.95 -4.71 9.82
C VAL A 98 7.61 -3.98 9.90
N CYS A 99 7.58 -2.83 10.59
CA CYS A 99 6.38 -1.99 10.71
C CYS A 99 5.92 -1.51 9.33
N ASP A 100 6.85 -1.01 8.51
CA ASP A 100 6.58 -0.57 7.14
C ASP A 100 6.05 -1.70 6.25
N THR A 101 6.51 -2.94 6.47
CA THR A 101 6.02 -4.14 5.77
C THR A 101 4.56 -4.43 6.12
N VAL A 102 4.24 -4.47 7.41
CA VAL A 102 2.89 -4.71 7.94
C VAL A 102 1.94 -3.64 7.40
N LEU A 103 2.33 -2.35 7.57
CA LEU A 103 1.56 -1.19 7.15
C LEU A 103 1.34 -1.18 5.63
N GLY A 104 2.35 -1.64 4.88
CA GLY A 104 2.22 -1.77 3.44
C GLY A 104 1.19 -2.82 3.08
N LEU A 105 1.23 -3.99 3.77
CA LEU A 105 0.25 -5.07 3.54
C LEU A 105 -1.16 -4.62 3.88
N LEU A 106 -1.33 -3.91 5.01
CA LEU A 106 -2.61 -3.39 5.47
C LEU A 106 -3.22 -2.39 4.50
N ASP A 107 -2.40 -1.48 3.96
CA ASP A 107 -2.85 -0.44 3.05
C ASP A 107 -3.07 -0.94 1.65
N SER A 108 -2.23 -1.84 1.16
CA SER A 108 -2.38 -2.30 -0.22
C SER A 108 -3.26 -3.54 -0.39
N HIS A 109 -3.53 -4.31 0.68
CA HIS A 109 -4.32 -5.52 0.51
C HIS A 109 -5.45 -5.77 1.47
N LEU A 110 -5.25 -5.48 2.77
CA LEU A 110 -6.16 -5.90 3.82
C LEU A 110 -7.29 -4.95 4.20
N ILE A 111 -7.04 -3.65 4.46
CA ILE A 111 -8.10 -2.72 4.87
C ILE A 111 -9.13 -2.53 3.75
N LYS A 112 -8.65 -2.28 2.52
CA LYS A 112 -9.53 -2.07 1.35
C LYS A 112 -10.47 -3.27 1.09
N GLU A 113 -9.88 -4.49 1.01
CA GLU A 113 -10.58 -5.73 0.68
C GLU A 113 -11.39 -6.36 1.84
N ALA A 114 -11.39 -5.77 3.05
CA ALA A 114 -12.12 -6.31 4.21
C ALA A 114 -13.64 -6.25 4.02
N GLY A 115 -14.28 -7.42 4.16
CA GLY A 115 -15.73 -7.57 4.01
C GLY A 115 -16.48 -7.02 5.19
N ASP A 116 -16.48 -7.78 6.29
CA ASP A 116 -17.15 -7.43 7.54
C ASP A 116 -16.55 -6.24 8.28
N ALA A 117 -17.26 -5.75 9.29
CA ALA A 117 -16.84 -4.67 10.16
C ALA A 117 -15.77 -5.15 11.14
N GLU A 118 -15.88 -6.43 11.60
CA GLU A 118 -14.94 -7.08 12.53
C GLU A 118 -13.53 -7.14 11.94
N SER A 119 -13.42 -7.58 10.68
CA SER A 119 -12.14 -7.66 10.02
C SER A 119 -11.56 -6.25 9.79
N ARG A 120 -12.40 -5.26 9.38
CA ARG A 120 -11.97 -3.87 9.19
C ARG A 120 -11.44 -3.26 10.51
N VAL A 121 -12.15 -3.46 11.66
CA VAL A 121 -11.70 -2.98 12.98
C VAL A 121 -10.35 -3.67 13.32
N PHE A 122 -10.27 -4.99 13.05
CA PHE A 122 -9.07 -5.78 13.27
C PHE A 122 -7.85 -5.19 12.57
N TYR A 123 -8.00 -4.88 11.26
CA TYR A 123 -6.96 -4.31 10.43
C TYR A 123 -6.64 -2.89 10.77
N LEU A 124 -7.65 -2.09 11.11
CA LEU A 124 -7.42 -0.68 11.50
C LEU A 124 -6.72 -0.56 12.85
N LYS A 125 -6.99 -1.51 13.77
CA LYS A 125 -6.32 -1.57 15.07
C LYS A 125 -4.85 -1.95 14.85
N MET A 126 -4.62 -2.93 13.98
CA MET A 126 -3.30 -3.38 13.57
C MET A 126 -2.49 -2.20 12.96
N LYS A 127 -3.15 -1.36 12.14
CA LYS A 127 -2.57 -0.16 11.53
C LYS A 127 -2.11 0.84 12.60
N GLY A 128 -2.96 1.14 13.57
CA GLY A 128 -2.63 2.04 14.68
C GLY A 128 -1.52 1.46 15.54
N ASP A 129 -1.55 0.12 15.80
CA ASP A 129 -0.49 -0.58 16.57
C ASP A 129 0.89 -0.41 15.95
N TYR A 130 1.02 -0.68 14.63
CA TYR A 130 2.31 -0.59 13.97
C TYR A 130 2.75 0.82 13.79
N TYR A 131 1.81 1.78 13.70
CA TYR A 131 2.20 3.20 13.68
C TYR A 131 2.67 3.62 15.10
N ARG A 132 2.01 3.07 16.13
CA ARG A 132 2.36 3.30 17.52
C ARG A 132 3.78 2.73 17.80
N TYR A 133 4.13 1.56 17.23
CA TYR A 133 5.47 0.98 17.40
C TYR A 133 6.50 1.87 16.74
N LEU A 134 6.16 2.45 15.56
CA LEU A 134 7.03 3.38 14.87
C LEU A 134 7.22 4.65 15.71
N ALA A 135 6.16 5.14 16.38
CA ALA A 135 6.16 6.33 17.23
C ALA A 135 7.00 6.18 18.50
N GLU A 136 7.16 4.93 18.98
CA GLU A 136 7.99 4.58 20.16
C GLU A 136 9.49 4.90 19.92
N VAL A 137 9.95 4.78 18.64
CA VAL A 137 11.34 4.97 18.22
C VAL A 137 11.55 6.26 17.35
N ALA A 138 10.45 6.91 16.91
CA ALA A 138 10.55 8.12 16.09
C ALA A 138 10.88 9.36 16.94
N THR A 139 11.45 10.41 16.30
CA THR A 139 11.92 11.59 17.04
C THR A 139 11.38 12.98 16.68
N GLY A 140 11.51 13.42 15.42
CA GLY A 140 11.17 14.80 15.06
C GLY A 140 9.77 15.10 14.56
N ASP A 141 9.72 15.64 13.33
CA ASP A 141 8.48 15.98 12.62
C ASP A 141 7.90 14.67 12.08
N ASP A 142 8.78 13.66 11.87
CA ASP A 142 8.39 12.33 11.44
C ASP A 142 7.53 11.71 12.52
N LYS A 143 7.93 11.88 13.81
CA LYS A 143 7.18 11.39 14.97
C LYS A 143 5.78 11.95 14.99
N LYS A 144 5.63 13.27 14.72
CA LYS A 144 4.35 13.97 14.67
C LYS A 144 3.43 13.40 13.60
N ARG A 145 3.96 13.14 12.39
CA ARG A 145 3.23 12.54 11.27
C ARG A 145 2.76 11.14 11.65
N ILE A 146 3.67 10.32 12.27
CA ILE A 146 3.40 8.95 12.73
C ILE A 146 2.29 8.95 13.82
N ILE A 147 2.37 9.87 14.80
CA ILE A 147 1.38 10.02 15.87
C ILE A 147 0.00 10.32 15.29
N ASP A 148 -0.06 11.21 14.28
CA ASP A 148 -1.30 11.56 13.60
C ASP A 148 -1.89 10.36 12.86
N SER A 149 -1.07 9.60 12.14
CA SER A 149 -1.45 8.39 11.41
C SER A 149 -1.98 7.29 12.35
N ALA A 150 -1.32 7.07 13.52
CA ALA A 150 -1.79 6.08 14.49
C ALA A 150 -3.13 6.54 15.06
N ARG A 151 -3.23 7.82 15.47
CA ARG A 151 -4.47 8.39 16.00
C ARG A 151 -5.64 8.20 15.03
N SER A 152 -5.40 8.46 13.75
CA SER A 152 -6.38 8.35 12.68
C SER A 152 -6.86 6.91 12.44
N ALA A 153 -5.95 5.94 12.46
CA ALA A 153 -6.27 4.50 12.31
C ALA A 153 -7.13 4.04 13.49
N TYR A 154 -6.69 4.37 14.74
CA TYR A 154 -7.38 4.02 15.97
C TYR A 154 -8.78 4.61 16.05
N GLN A 155 -8.92 5.89 15.69
CA GLN A 155 -10.19 6.61 15.70
C GLN A 155 -11.17 6.00 14.67
N GLU A 156 -10.72 5.73 13.43
CA GLU A 156 -11.58 5.10 12.44
C GLU A 156 -12.10 3.74 12.96
N ALA A 157 -11.23 2.95 13.59
CA ALA A 157 -11.53 1.65 14.20
C ALA A 157 -12.51 1.80 15.37
N MET A 158 -12.32 2.82 16.23
CA MET A 158 -13.20 3.13 17.36
C MET A 158 -14.61 3.46 16.87
N ASP A 159 -14.73 4.35 15.84
CA ASP A 159 -16.00 4.73 15.22
C ASP A 159 -16.74 3.50 14.71
N ILE A 160 -16.06 2.59 14.00
CA ILE A 160 -16.69 1.37 13.49
C ILE A 160 -17.08 0.45 14.63
N SER A 161 -16.18 0.21 15.62
CA SER A 161 -16.45 -0.71 16.72
C SER A 161 -17.58 -0.25 17.63
N LYS A 162 -17.73 1.07 17.86
CA LYS A 162 -18.82 1.62 18.69
C LYS A 162 -20.19 1.43 18.00
N LYS A 163 -20.21 1.49 16.67
CA LYS A 163 -21.41 1.32 15.84
C LYS A 163 -21.74 -0.14 15.50
N GLU A 164 -20.73 -1.00 15.33
CA GLU A 164 -20.96 -2.36 14.85
C GLU A 164 -20.69 -3.52 15.85
N MET A 165 -19.95 -3.29 16.92
CA MET A 165 -19.63 -4.37 17.85
C MET A 165 -20.15 -4.13 19.27
N PRO A 166 -20.49 -5.19 20.04
CA PRO A 166 -20.92 -4.97 21.43
C PRO A 166 -19.73 -4.49 22.30
N PRO A 167 -19.98 -3.74 23.42
CA PRO A 167 -18.85 -3.24 24.24
C PRO A 167 -17.97 -4.31 24.89
N THR A 168 -18.41 -5.57 24.88
CA THR A 168 -17.69 -6.73 25.45
C THR A 168 -16.86 -7.49 24.41
N ASN A 169 -17.03 -7.14 23.12
CA ASN A 169 -16.29 -7.78 22.04
C ASN A 169 -14.77 -7.64 22.26
N PRO A 170 -14.00 -8.76 22.21
CA PRO A 170 -12.53 -8.67 22.46
C PRO A 170 -11.74 -7.80 21.48
N ILE A 171 -12.18 -7.70 20.20
CA ILE A 171 -11.49 -6.84 19.25
C ILE A 171 -11.70 -5.37 19.63
N ARG A 172 -12.93 -5.04 20.03
CA ARG A 172 -13.30 -3.71 20.49
C ARG A 172 -12.53 -3.34 21.78
N LEU A 173 -12.47 -4.26 22.74
CA LEU A 173 -11.79 -4.10 24.02
C LEU A 173 -10.27 -3.95 23.86
N GLY A 174 -9.66 -4.79 23.02
CA GLY A 174 -8.24 -4.75 22.73
C GLY A 174 -7.84 -3.46 22.04
N LEU A 175 -8.77 -2.93 21.17
CA LEU A 175 -8.60 -1.68 20.46
C LEU A 175 -8.61 -0.50 21.43
N ALA A 176 -9.59 -0.48 22.31
CA ALA A 176 -9.73 0.58 23.31
C ALA A 176 -8.53 0.59 24.25
N LEU A 177 -8.04 -0.63 24.66
CA LEU A 177 -6.82 -0.80 25.46
C LEU A 177 -5.58 -0.16 24.80
N ASN A 178 -5.33 -0.50 23.54
CA ASN A 178 -4.20 -0.02 22.78
C ASN A 178 -4.23 1.46 22.50
N PHE A 179 -5.45 2.00 22.18
CA PHE A 179 -5.65 3.41 21.93
C PHE A 179 -5.41 4.21 23.21
N SER A 180 -5.79 3.67 24.38
CA SER A 180 -5.56 4.31 25.67
C SER A 180 -4.06 4.27 26.00
N VAL A 181 -3.34 3.20 25.61
CA VAL A 181 -1.88 3.10 25.74
C VAL A 181 -1.24 4.21 24.87
N PHE A 182 -1.74 4.35 23.63
CA PHE A 182 -1.34 5.37 22.67
C PHE A 182 -1.52 6.79 23.32
N HIS A 183 -2.69 7.11 23.87
CA HIS A 183 -2.93 8.40 24.51
C HIS A 183 -1.91 8.68 25.64
N TYR A 184 -1.74 7.71 26.57
CA TYR A 184 -0.84 7.84 27.71
C TYR A 184 0.63 7.96 27.33
N GLU A 185 1.14 6.98 26.57
CA GLU A 185 2.54 6.80 26.22
C GLU A 185 3.05 7.56 25.02
N ILE A 186 2.19 7.73 24.01
CA ILE A 186 2.63 8.32 22.76
C ILE A 186 2.20 9.76 22.61
N ALA A 187 0.90 10.02 22.77
CA ALA A 187 0.29 11.34 22.62
C ALA A 187 0.45 12.21 23.88
N ASN A 188 1.02 11.64 24.98
CA ASN A 188 1.20 12.33 26.25
C ASN A 188 -0.12 13.05 26.72
N SER A 189 -1.23 12.31 26.72
CA SER A 189 -2.55 12.75 27.15
C SER A 189 -3.00 11.74 28.19
N PRO A 190 -2.41 11.75 29.42
CA PRO A 190 -2.83 10.80 30.46
C PRO A 190 -4.31 10.84 30.81
N GLU A 191 -4.93 12.04 30.76
CA GLU A 191 -6.33 12.20 31.06
C GLU A 191 -7.22 11.48 30.04
N GLU A 192 -6.92 11.60 28.72
CA GLU A 192 -7.65 10.90 27.66
C GLU A 192 -7.51 9.38 27.81
N ALA A 193 -6.29 8.92 28.15
CA ALA A 193 -5.96 7.52 28.37
C ALA A 193 -6.80 6.92 29.51
N ILE A 194 -6.85 7.59 30.69
CA ILE A 194 -7.57 7.16 31.89
C ILE A 194 -9.06 7.16 31.60
N SER A 195 -9.56 8.24 30.99
CA SER A 195 -10.96 8.39 30.61
C SER A 195 -11.39 7.26 29.66
N LEU A 196 -10.60 7.02 28.58
CA LEU A 196 -10.90 5.98 27.61
C LEU A 196 -10.94 4.60 28.26
N ALA A 197 -9.90 4.29 29.08
CA ALA A 197 -9.78 3.01 29.78
C ALA A 197 -10.95 2.78 30.76
N LYS A 198 -11.34 3.82 31.58
CA LYS A 198 -12.48 3.76 32.53
C LYS A 198 -13.78 3.48 31.79
N THR A 199 -14.09 4.30 30.76
CA THR A 199 -15.29 4.19 29.92
C THR A 199 -15.43 2.81 29.30
N THR A 200 -14.35 2.30 28.69
CA THR A 200 -14.33 0.98 28.05
C THR A 200 -14.63 -0.10 29.08
N PHE A 201 -13.96 -0.03 30.24
CA PHE A 201 -14.14 -0.97 31.32
C PHE A 201 -15.58 -0.94 31.85
N ASP A 202 -16.14 0.28 32.11
CA ASP A 202 -17.50 0.50 32.61
C ASP A 202 -18.57 0.00 31.64
N GLU A 203 -18.42 0.29 30.35
CA GLU A 203 -19.35 -0.16 29.29
C GLU A 203 -19.33 -1.69 29.11
N ALA A 204 -18.17 -2.29 29.25
CA ALA A 204 -18.01 -3.75 29.18
C ALA A 204 -18.58 -4.39 30.44
N MET A 205 -18.36 -3.75 31.59
CA MET A 205 -18.86 -4.21 32.88
C MET A 205 -20.40 -4.27 32.93
N ALA A 206 -21.07 -3.25 32.36
CA ALA A 206 -22.54 -3.19 32.29
C ALA A 206 -23.15 -4.37 31.48
N ASP A 207 -22.39 -4.90 30.49
CA ASP A 207 -22.81 -6.01 29.62
C ASP A 207 -22.16 -7.33 29.94
N LEU A 208 -21.38 -7.37 31.01
CA LEU A 208 -20.60 -8.55 31.44
C LEU A 208 -21.39 -9.86 31.43
N HIS A 209 -22.61 -9.85 31.99
CA HIS A 209 -23.52 -11.00 32.10
C HIS A 209 -24.03 -11.52 30.74
N THR A 210 -23.86 -10.70 29.66
CA THR A 210 -24.30 -10.97 28.29
C THR A 210 -23.15 -11.37 27.35
N LEU A 211 -21.92 -11.50 27.88
CA LEU A 211 -20.71 -11.88 27.13
C LEU A 211 -20.87 -13.30 26.56
N SER A 212 -20.42 -13.47 25.30
CA SER A 212 -20.43 -14.74 24.58
C SER A 212 -19.40 -15.68 25.20
N GLU A 213 -19.77 -16.98 25.40
CA GLU A 213 -18.92 -18.04 25.98
C GLU A 213 -17.59 -18.18 25.23
N ASP A 214 -17.62 -17.96 23.89
CA ASP A 214 -16.47 -18.01 23.01
C ASP A 214 -15.46 -16.91 23.35
N SER A 215 -15.95 -15.77 23.87
CA SER A 215 -15.13 -14.62 24.21
C SER A 215 -14.81 -14.50 25.70
N TYR A 216 -15.30 -15.43 26.57
CA TYR A 216 -15.07 -15.37 28.02
C TYR A 216 -13.62 -15.09 28.36
N LYS A 217 -12.68 -15.97 27.96
CA LYS A 217 -11.25 -15.80 28.25
C LYS A 217 -10.63 -14.55 27.62
N ASP A 218 -10.94 -14.25 26.35
CA ASP A 218 -10.36 -13.07 25.70
C ASP A 218 -10.79 -11.75 26.33
N SER A 219 -12.11 -11.53 26.49
CA SER A 219 -12.67 -10.29 27.03
C SER A 219 -12.31 -10.04 28.47
N THR A 220 -12.32 -11.08 29.31
CA THR A 220 -12.03 -10.91 30.73
C THR A 220 -10.57 -10.61 30.95
N LEU A 221 -9.72 -11.11 30.04
CA LEU A 221 -8.29 -10.82 30.09
C LEU A 221 -8.06 -9.34 29.83
N ILE A 222 -8.67 -8.83 28.72
CA ILE A 222 -8.52 -7.42 28.34
C ILE A 222 -9.09 -6.51 29.44
N MET A 223 -10.21 -6.93 30.05
CA MET A 223 -10.79 -6.21 31.15
C MET A 223 -9.85 -6.13 32.31
N GLN A 224 -9.10 -7.19 32.59
CA GLN A 224 -8.08 -7.21 33.64
C GLN A 224 -6.91 -6.30 33.29
N LEU A 225 -6.52 -6.23 31.99
CA LEU A 225 -5.42 -5.37 31.56
C LEU A 225 -5.75 -3.91 31.63
N LEU A 226 -7.03 -3.55 31.31
CA LEU A 226 -7.53 -2.17 31.37
C LEU A 226 -7.46 -1.69 32.81
N ARG A 227 -7.90 -2.56 33.71
CA ARG A 227 -7.92 -2.34 35.14
C ARG A 227 -6.47 -2.20 35.69
N ASP A 228 -5.54 -3.05 35.21
CA ASP A 228 -4.12 -2.99 35.63
C ASP A 228 -3.50 -1.65 35.22
N ASN A 229 -3.76 -1.22 33.97
CA ASN A 229 -3.27 0.05 33.43
C ASN A 229 -3.82 1.23 34.20
N LEU A 230 -5.12 1.19 34.58
CA LEU A 230 -5.76 2.23 35.37
C LEU A 230 -5.14 2.34 36.77
N THR A 231 -4.83 1.19 37.39
CA THR A 231 -4.16 1.13 38.70
C THR A 231 -2.78 1.84 38.61
N LEU A 232 -2.07 1.58 37.50
CA LEU A 232 -0.77 2.13 37.19
C LEU A 232 -0.80 3.63 36.84
N TRP A 233 -1.84 4.10 36.13
CA TRP A 233 -1.92 5.46 35.61
C TRP A 233 -2.54 6.47 36.55
N THR A 234 -3.41 5.99 37.47
CA THR A 234 -4.10 6.84 38.44
C THR A 234 -3.42 6.80 39.82
N GLY B 1 42.06 1.02 14.10
CA GLY B 1 42.64 -0.14 13.44
C GLY B 1 42.09 -1.46 13.95
N PRO B 2 42.77 -2.58 13.66
CA PRO B 2 42.27 -3.89 14.10
C PRO B 2 41.91 -3.99 15.59
N HIS B 3 42.72 -3.41 16.49
CA HIS B 3 42.51 -3.50 17.94
C HIS B 3 41.25 -2.74 18.40
N MET B 4 41.03 -1.52 17.86
CA MET B 4 39.85 -0.68 18.10
C MET B 4 38.59 -1.35 17.52
N GLU B 5 38.66 -1.83 16.26
CA GLU B 5 37.57 -2.54 15.57
C GLU B 5 37.12 -3.77 16.38
N ARG B 6 38.09 -4.53 16.90
CA ARG B 6 37.86 -5.75 17.70
C ARG B 6 37.16 -5.41 19.00
N ALA B 7 37.61 -4.34 19.68
CA ALA B 7 37.03 -3.92 20.97
C ALA B 7 35.56 -3.53 20.79
N SER B 8 35.26 -2.86 19.65
CA SER B 8 33.92 -2.43 19.30
C SER B 8 33.01 -3.62 19.07
N LEU B 9 33.51 -4.61 18.34
CA LEU B 9 32.77 -5.84 18.00
C LEU B 9 32.44 -6.63 19.24
N ILE B 10 33.35 -6.67 20.22
CA ILE B 10 33.12 -7.37 21.50
C ILE B 10 32.07 -6.62 22.32
N GLN B 11 32.12 -5.27 22.34
CA GLN B 11 31.14 -4.45 23.04
C GLN B 11 29.75 -4.67 22.44
N LYS B 12 29.66 -4.69 21.11
CA LYS B 12 28.44 -4.91 20.37
C LYS B 12 27.85 -6.31 20.63
N ALA B 13 28.72 -7.34 20.74
CA ALA B 13 28.32 -8.72 21.09
C ALA B 13 27.74 -8.79 22.50
N LYS B 14 28.33 -8.02 23.43
CA LYS B 14 27.83 -7.92 24.80
C LYS B 14 26.48 -7.21 24.85
N LEU B 15 26.28 -6.18 23.99
CA LEU B 15 25.01 -5.47 23.85
C LEU B 15 23.96 -6.40 23.26
N ALA B 16 24.33 -7.16 22.20
CA ALA B 16 23.46 -8.13 21.53
C ALA B 16 23.02 -9.22 22.47
N GLU B 17 23.89 -9.62 23.42
CA GLU B 17 23.57 -10.61 24.42
C GLU B 17 22.50 -10.09 25.39
N GLN B 18 22.67 -8.83 25.86
CA GLN B 18 21.74 -8.15 26.76
C GLN B 18 20.34 -8.02 26.09
N ALA B 19 20.33 -7.73 24.79
CA ALA B 19 19.15 -7.55 23.95
C ALA B 19 18.59 -8.89 23.47
N GLU B 20 19.31 -9.99 23.75
CA GLU B 20 18.96 -11.37 23.36
C GLU B 20 18.84 -11.56 21.81
N ARG B 21 19.75 -10.90 21.08
CA ARG B 21 19.86 -10.94 19.62
C ARG B 21 21.09 -11.75 19.31
N TYR B 22 20.94 -13.05 19.43
CA TYR B 22 22.00 -14.02 19.30
C TYR B 22 22.56 -14.15 17.90
N GLU B 23 21.76 -13.89 16.82
CA GLU B 23 22.35 -13.94 15.47
C GLU B 23 23.32 -12.75 15.29
N ASP B 24 22.95 -11.60 15.86
CA ASP B 24 23.78 -10.39 15.85
C ASP B 24 25.04 -10.64 16.66
N MET B 25 24.88 -11.19 17.88
CA MET B 25 25.94 -11.56 18.81
C MET B 25 26.97 -12.47 18.12
N ALA B 26 26.49 -13.49 17.40
CA ALA B 26 27.29 -14.43 16.64
C ALA B 26 28.07 -13.71 15.55
N ALA B 27 27.40 -12.82 14.78
CA ALA B 27 28.03 -12.06 13.71
C ALA B 27 29.14 -11.14 14.24
N PHE B 28 28.92 -10.47 15.40
CA PHE B 28 29.91 -9.59 16.03
C PHE B 28 31.11 -10.40 16.52
N MET B 29 30.84 -11.58 17.11
CA MET B 29 31.85 -12.51 17.63
C MET B 29 32.68 -13.11 16.51
N LYS B 30 32.04 -13.42 15.36
CA LYS B 30 32.73 -13.95 14.18
C LYS B 30 33.73 -12.90 13.71
N GLY B 31 33.27 -11.64 13.60
CA GLY B 31 34.10 -10.52 13.18
C GLY B 31 35.26 -10.26 14.09
N ALA B 32 35.01 -10.32 15.40
CA ALA B 32 36.01 -10.16 16.47
C ALA B 32 37.12 -11.24 16.37
N VAL B 33 36.72 -12.52 16.16
CA VAL B 33 37.61 -13.69 15.97
C VAL B 33 38.45 -13.47 14.69
N GLU B 34 37.84 -12.91 13.62
CA GLU B 34 38.52 -12.69 12.35
C GLU B 34 39.58 -11.58 12.40
N LYS B 35 39.65 -10.81 13.53
CA LYS B 35 40.68 -9.80 13.71
C LYS B 35 42.05 -10.46 13.97
N GLY B 36 42.02 -11.72 14.43
CA GLY B 36 43.22 -12.54 14.60
C GLY B 36 43.80 -12.68 15.98
N GLU B 37 43.22 -12.01 16.99
CA GLU B 37 43.74 -12.12 18.35
C GLU B 37 43.14 -13.36 19.03
N GLU B 38 43.85 -13.93 20.01
CA GLU B 38 43.41 -15.07 20.81
C GLU B 38 42.23 -14.55 21.63
N LEU B 39 41.25 -15.43 21.90
CA LEU B 39 40.10 -15.01 22.69
C LEU B 39 40.41 -15.26 24.15
N SER B 40 39.96 -14.34 25.02
CA SER B 40 40.05 -14.50 26.46
C SER B 40 38.92 -15.47 26.89
N CYS B 41 38.96 -15.96 28.12
CA CYS B 41 37.95 -16.86 28.68
C CYS B 41 36.52 -16.26 28.53
N GLU B 42 36.37 -14.96 28.82
CA GLU B 42 35.12 -14.21 28.69
C GLU B 42 34.67 -14.19 27.23
N GLU B 43 35.60 -13.91 26.28
CA GLU B 43 35.33 -13.86 24.84
C GLU B 43 34.95 -15.21 24.26
N ARG B 44 35.60 -16.30 24.69
CA ARG B 44 35.32 -17.70 24.26
C ARG B 44 33.86 -17.98 24.61
N ASN B 45 33.46 -17.62 25.83
CA ASN B 45 32.12 -17.78 26.36
C ASN B 45 31.11 -16.98 25.59
N LEU B 46 31.45 -15.75 25.17
CA LEU B 46 30.58 -14.91 24.32
C LEU B 46 30.34 -15.60 22.97
N LEU B 47 31.41 -16.11 22.34
CA LEU B 47 31.34 -16.81 21.07
C LEU B 47 30.46 -18.07 21.18
N SER B 48 30.67 -18.87 22.23
CA SER B 48 29.94 -20.10 22.50
C SER B 48 28.45 -19.80 22.78
N VAL B 49 28.15 -18.81 23.62
CA VAL B 49 26.78 -18.42 23.94
C VAL B 49 26.02 -18.00 22.67
N ALA B 50 26.66 -17.19 21.86
CA ALA B 50 26.10 -16.66 20.62
C ALA B 50 25.66 -17.77 19.68
N TYR B 51 26.59 -18.66 19.30
CA TYR B 51 26.31 -19.71 18.32
C TYR B 51 25.46 -20.85 18.86
N LYS B 52 25.58 -21.18 20.16
CA LYS B 52 24.78 -22.24 20.76
C LYS B 52 23.30 -21.81 20.82
N ASN B 53 23.07 -20.53 21.03
CA ASN B 53 21.70 -20.03 21.00
C ASN B 53 21.13 -20.03 19.58
N VAL B 54 21.92 -19.64 18.59
CA VAL B 54 21.46 -19.66 17.19
C VAL B 54 21.15 -21.10 16.72
N VAL B 55 22.10 -22.01 16.87
CA VAL B 55 22.00 -23.39 16.44
C VAL B 55 20.94 -24.16 17.27
N GLY B 56 20.82 -23.83 18.56
CA GLY B 56 19.84 -24.43 19.46
C GLY B 56 18.41 -24.18 19.04
N GLY B 57 18.16 -22.95 18.57
CA GLY B 57 16.88 -22.51 18.04
C GLY B 57 16.54 -23.28 16.77
N GLN B 58 17.53 -23.46 15.89
CA GLN B 58 17.40 -24.15 14.61
C GLN B 58 17.14 -25.65 14.78
N ARG B 59 17.90 -26.27 15.72
CA ARG B 59 17.79 -27.68 16.05
C ARG B 59 16.40 -27.99 16.62
N ALA B 60 15.92 -27.11 17.54
CA ALA B 60 14.59 -27.28 18.14
C ALA B 60 13.50 -27.25 17.06
N ALA B 61 13.57 -26.26 16.12
CA ALA B 61 12.67 -26.09 14.97
C ALA B 61 12.74 -27.32 14.05
N TRP B 62 13.96 -27.76 13.72
CA TRP B 62 14.18 -28.93 12.89
C TRP B 62 13.51 -30.18 13.51
N ARG B 63 13.65 -30.39 14.84
CA ARG B 63 13.04 -31.51 15.57
C ARG B 63 11.52 -31.46 15.49
N VAL B 64 10.91 -30.26 15.62
CA VAL B 64 9.46 -30.06 15.51
C VAL B 64 8.98 -30.52 14.12
N LEU B 65 9.63 -30.00 13.06
CA LEU B 65 9.32 -30.27 11.66
C LEU B 65 9.52 -31.71 11.28
N SER B 66 10.67 -32.26 11.67
CA SER B 66 11.05 -33.66 11.48
C SER B 66 10.04 -34.59 12.17
N SER B 67 9.57 -34.22 13.38
CA SER B 67 8.55 -34.98 14.11
C SER B 67 7.19 -34.98 13.40
N ILE B 68 6.75 -33.79 12.88
CA ILE B 68 5.51 -33.66 12.10
C ILE B 68 5.65 -34.56 10.82
N GLU B 69 6.79 -34.44 10.12
CA GLU B 69 7.11 -35.21 8.91
C GLU B 69 7.05 -36.74 9.13
N GLN B 70 7.59 -37.21 10.26
CA GLN B 70 7.62 -38.61 10.67
C GLN B 70 6.23 -39.10 11.06
N LYS B 71 5.41 -38.24 11.74
CA LYS B 71 4.03 -38.56 12.12
C LYS B 71 3.10 -38.60 10.92
N SER B 72 3.21 -37.61 10.00
CA SER B 72 2.37 -37.55 8.79
C SER B 72 2.68 -38.65 7.73
N ASN B 73 3.38 -39.75 8.13
CA ASN B 73 3.74 -40.90 7.29
C ASN B 73 3.30 -42.24 7.90
N GLY B 81 1.85 -33.40 3.64
CA GLY B 81 2.15 -33.07 2.25
C GLY B 81 3.59 -32.67 1.97
N PRO B 82 3.87 -32.09 0.77
CA PRO B 82 5.27 -31.69 0.45
C PRO B 82 5.83 -30.54 1.27
N GLU B 83 4.94 -29.67 1.81
CA GLU B 83 5.30 -28.47 2.60
C GLU B 83 6.20 -28.75 3.76
N VAL B 84 5.93 -29.82 4.57
CA VAL B 84 6.77 -30.16 5.73
C VAL B 84 8.18 -30.50 5.33
N ARG B 85 8.34 -31.33 4.27
CA ARG B 85 9.64 -31.76 3.76
C ARG B 85 10.41 -30.54 3.28
N GLU B 86 9.78 -29.70 2.41
CA GLU B 86 10.38 -28.49 1.86
C GLU B 86 10.84 -27.54 2.94
N TYR B 87 9.99 -27.33 3.96
CA TYR B 87 10.29 -26.40 5.04
C TYR B 87 11.35 -26.94 5.98
N ARG B 88 11.30 -28.24 6.30
CA ARG B 88 12.31 -28.94 7.11
C ARG B 88 13.67 -28.83 6.42
N GLU B 89 13.71 -28.99 5.09
CA GLU B 89 14.91 -28.85 4.27
C GLU B 89 15.48 -27.43 4.33
N LYS B 90 14.62 -26.40 4.37
CA LYS B 90 15.05 -25.00 4.44
C LYS B 90 15.76 -24.73 5.78
N VAL B 91 15.16 -25.23 6.88
CA VAL B 91 15.66 -25.11 8.26
C VAL B 91 17.01 -25.82 8.39
N GLU B 92 17.07 -27.02 7.80
CA GLU B 92 18.24 -27.89 7.75
C GLU B 92 19.43 -27.19 7.09
N THR B 93 19.19 -26.50 5.96
CA THR B 93 20.18 -25.74 5.21
C THR B 93 20.70 -24.57 6.03
N GLU B 94 19.81 -23.88 6.75
CA GLU B 94 20.21 -22.76 7.60
C GLU B 94 21.09 -23.23 8.75
N LEU B 95 20.72 -24.38 9.37
CA LEU B 95 21.43 -25.02 10.48
C LEU B 95 22.83 -25.43 10.00
N GLN B 96 22.92 -26.07 8.84
CA GLN B 96 24.16 -26.52 8.22
C GLN B 96 25.12 -25.36 7.98
N GLY B 97 24.60 -24.22 7.54
CA GLY B 97 25.38 -23.03 7.30
C GLY B 97 25.98 -22.44 8.56
N VAL B 98 25.22 -22.45 9.65
CA VAL B 98 25.70 -21.97 10.97
C VAL B 98 26.81 -22.91 11.50
N CYS B 99 26.61 -24.23 11.40
CA CYS B 99 27.59 -25.21 11.83
C CYS B 99 28.88 -25.08 11.02
N ASP B 100 28.76 -24.96 9.67
CA ASP B 100 29.89 -24.75 8.77
C ASP B 100 30.65 -23.44 9.07
N THR B 101 29.95 -22.38 9.51
CA THR B 101 30.54 -21.10 9.91
C THR B 101 31.39 -21.29 11.17
N VAL B 102 30.83 -21.90 12.22
CA VAL B 102 31.51 -22.18 13.48
C VAL B 102 32.76 -23.03 13.21
N LEU B 103 32.58 -24.15 12.45
CA LEU B 103 33.64 -25.08 12.10
C LEU B 103 34.75 -24.41 11.30
N GLY B 104 34.37 -23.47 10.44
CA GLY B 104 35.31 -22.68 9.66
C GLY B 104 36.12 -21.77 10.56
N LEU B 105 35.47 -21.10 11.53
CA LEU B 105 36.15 -20.25 12.51
C LEU B 105 37.12 -21.06 13.39
N LEU B 106 36.67 -22.25 13.85
CA LEU B 106 37.47 -23.14 14.68
C LEU B 106 38.72 -23.61 13.94
N ASP B 107 38.56 -24.00 12.65
CA ASP B 107 39.66 -24.54 11.89
C ASP B 107 40.62 -23.47 11.39
N SER B 108 40.11 -22.31 10.98
CA SER B 108 41.00 -21.30 10.46
C SER B 108 41.52 -20.30 11.52
N HIS B 109 40.91 -20.21 12.70
CA HIS B 109 41.40 -19.22 13.67
C HIS B 109 41.64 -19.67 15.09
N LEU B 110 40.79 -20.53 15.63
CA LEU B 110 40.77 -20.87 17.05
C LEU B 110 41.51 -22.10 17.48
N ILE B 111 41.42 -23.18 16.69
CA ILE B 111 42.10 -24.44 16.98
C ILE B 111 43.61 -24.23 16.68
N LYS B 112 44.44 -24.36 17.74
CA LYS B 112 45.88 -24.12 17.76
C LYS B 112 46.58 -25.21 18.54
N GLU B 113 47.90 -25.42 18.30
CA GLU B 113 48.71 -26.41 19.06
C GLU B 113 49.06 -25.91 20.48
N ALA B 114 49.30 -24.59 20.57
CA ALA B 114 49.49 -23.78 21.78
C ALA B 114 48.05 -23.29 22.11
N GLY B 115 47.70 -22.87 23.32
CA GLY B 115 48.46 -22.81 24.53
C GLY B 115 47.78 -23.69 25.55
N ASP B 116 46.99 -23.07 26.48
CA ASP B 116 46.40 -23.80 27.62
C ASP B 116 45.47 -24.94 27.22
N ALA B 117 45.58 -26.02 27.96
CA ALA B 117 44.80 -27.23 27.75
C ALA B 117 43.30 -26.90 27.86
N GLU B 118 42.96 -25.92 28.73
CA GLU B 118 41.60 -25.43 28.91
C GLU B 118 41.04 -24.87 27.61
N SER B 119 41.76 -23.96 26.97
CA SER B 119 41.31 -23.35 25.73
C SER B 119 41.34 -24.35 24.54
N ARG B 120 42.23 -25.31 24.56
CA ARG B 120 42.39 -26.32 23.52
C ARG B 120 41.24 -27.31 23.60
N VAL B 121 40.90 -27.76 24.82
CA VAL B 121 39.80 -28.70 25.08
C VAL B 121 38.48 -28.00 24.74
N PHE B 122 38.36 -26.71 25.13
CA PHE B 122 37.19 -25.88 24.85
C PHE B 122 36.86 -25.86 23.37
N TYR B 123 37.86 -25.56 22.52
CA TYR B 123 37.68 -25.46 21.05
C TYR B 123 37.48 -26.79 20.38
N LEU B 124 38.17 -27.83 20.85
CA LEU B 124 38.02 -29.18 20.32
C LEU B 124 36.65 -29.79 20.65
N LYS B 125 36.10 -29.46 21.85
CA LYS B 125 34.77 -29.87 22.27
C LYS B 125 33.74 -29.18 21.36
N MET B 126 33.92 -27.88 21.15
CA MET B 126 33.08 -27.07 20.28
C MET B 126 33.04 -27.65 18.85
N LYS B 127 34.20 -28.11 18.34
CA LYS B 127 34.35 -28.76 17.04
C LYS B 127 33.52 -30.06 16.98
N GLY B 128 33.60 -30.86 18.05
CA GLY B 128 32.87 -32.12 18.19
C GLY B 128 31.38 -31.85 18.22
N ASP B 129 30.98 -30.84 19.00
CA ASP B 129 29.57 -30.39 19.15
C ASP B 129 28.94 -29.99 17.82
N TYR B 130 29.58 -29.13 17.04
CA TYR B 130 29.02 -28.67 15.77
C TYR B 130 29.04 -29.73 14.71
N TYR B 131 29.96 -30.67 14.77
CA TYR B 131 29.94 -31.81 13.86
C TYR B 131 28.78 -32.76 14.28
N ARG B 132 28.55 -32.88 15.60
CA ARG B 132 27.46 -33.68 16.16
C ARG B 132 26.11 -33.08 15.72
N TYR B 133 25.98 -31.73 15.69
CA TYR B 133 24.75 -31.07 15.25
C TYR B 133 24.52 -31.33 13.76
N LEU B 134 25.60 -31.35 12.97
CA LEU B 134 25.53 -31.69 11.56
C LEU B 134 25.08 -33.14 11.37
N ALA B 135 25.56 -34.05 12.24
CA ALA B 135 25.24 -35.49 12.22
C ALA B 135 23.79 -35.79 12.56
N GLU B 136 23.16 -34.93 13.36
CA GLU B 136 21.76 -35.03 13.77
C GLU B 136 20.81 -34.96 12.57
N VAL B 137 21.23 -34.26 11.51
CA VAL B 137 20.42 -33.98 10.32
C VAL B 137 20.99 -34.61 9.04
N ALA B 138 22.25 -35.13 9.08
CA ALA B 138 22.91 -35.77 7.93
C ALA B 138 22.34 -37.17 7.68
N THR B 139 22.52 -37.73 6.43
CA THR B 139 21.91 -39.01 6.08
C THR B 139 22.79 -40.17 5.56
N GLY B 140 23.56 -39.97 4.49
CA GLY B 140 24.28 -41.08 3.85
C GLY B 140 25.72 -41.34 4.25
N ASP B 141 26.62 -41.24 3.25
CA ASP B 141 28.07 -41.40 3.41
C ASP B 141 28.62 -40.12 4.03
N ASP B 142 27.88 -38.99 3.82
CA ASP B 142 28.20 -37.70 4.39
C ASP B 142 28.07 -37.80 5.91
N LYS B 143 27.00 -38.47 6.39
CA LYS B 143 26.76 -38.71 7.82
C LYS B 143 27.94 -39.44 8.45
N LYS B 144 28.45 -40.49 7.77
CA LYS B 144 29.59 -41.30 8.21
C LYS B 144 30.86 -40.44 8.38
N ARG B 145 31.15 -39.57 7.40
CA ARG B 145 32.29 -38.65 7.44
C ARG B 145 32.15 -37.68 8.62
N ILE B 146 30.94 -37.12 8.82
CA ILE B 146 30.60 -36.20 9.90
C ILE B 146 30.75 -36.86 11.28
N ILE B 147 30.25 -38.12 11.43
CA ILE B 147 30.36 -38.92 12.65
C ILE B 147 31.83 -39.16 13.02
N ASP B 148 32.66 -39.44 12.01
CA ASP B 148 34.09 -39.66 12.19
C ASP B 148 34.79 -38.39 12.67
N SER B 149 34.45 -37.24 12.07
CA SER B 149 35.00 -35.93 12.43
C SER B 149 34.62 -35.51 13.84
N ALA B 150 33.34 -35.74 14.25
CA ALA B 150 32.92 -35.42 15.62
C ALA B 150 33.72 -36.32 16.58
N ARG B 151 33.74 -37.67 16.31
CA ARG B 151 34.48 -38.64 17.14
C ARG B 151 35.93 -38.23 17.37
N SER B 152 36.63 -37.83 16.29
CA SER B 152 38.04 -37.37 16.33
C SER B 152 38.26 -36.13 17.19
N ALA B 153 37.40 -35.12 17.05
CA ALA B 153 37.50 -33.88 17.80
C ALA B 153 37.32 -34.16 19.29
N TYR B 154 36.25 -34.94 19.65
CA TYR B 154 35.95 -35.35 21.01
C TYR B 154 37.04 -36.16 21.65
N GLN B 155 37.59 -37.14 20.92
CA GLN B 155 38.67 -38.00 21.40
C GLN B 155 39.94 -37.20 21.68
N GLU B 156 40.33 -36.30 20.75
CA GLU B 156 41.52 -35.45 20.95
C GLU B 156 41.34 -34.62 22.24
N ALA B 157 40.14 -34.06 22.44
CA ALA B 157 39.76 -33.26 23.61
C ALA B 157 39.78 -34.11 24.90
N MET B 158 39.29 -35.36 24.84
CA MET B 158 39.27 -36.31 25.96
C MET B 158 40.71 -36.63 26.40
N ASP B 159 41.58 -36.98 25.43
CA ASP B 159 43.02 -37.25 25.65
C ASP B 159 43.68 -36.08 26.38
N ILE B 160 43.44 -34.84 25.94
CA ILE B 160 44.01 -33.65 26.59
C ILE B 160 43.44 -33.45 27.99
N SER B 161 42.11 -33.54 28.15
CA SER B 161 41.46 -33.29 29.41
C SER B 161 41.83 -34.33 30.50
N LYS B 162 41.99 -35.61 30.11
CA LYS B 162 42.39 -36.67 31.05
C LYS B 162 43.83 -36.46 31.57
N LYS B 163 44.71 -35.92 30.70
CA LYS B 163 46.11 -35.65 31.02
C LYS B 163 46.35 -34.29 31.70
N GLU B 164 45.55 -33.27 31.39
CA GLU B 164 45.80 -31.91 31.87
C GLU B 164 44.79 -31.31 32.86
N MET B 165 43.59 -31.86 32.95
CA MET B 165 42.58 -31.26 33.82
C MET B 165 42.13 -32.20 34.93
N PRO B 166 41.76 -31.67 36.13
CA PRO B 166 41.22 -32.56 37.17
C PRO B 166 39.84 -33.14 36.76
N PRO B 167 39.43 -34.36 37.28
CA PRO B 167 38.14 -34.94 36.87
C PRO B 167 36.89 -34.11 37.22
N THR B 168 37.03 -33.08 38.07
CA THR B 168 35.95 -32.18 38.50
C THR B 168 35.86 -30.92 37.63
N ASN B 169 36.86 -30.69 36.78
CA ASN B 169 36.88 -29.52 35.89
C ASN B 169 35.58 -29.47 35.02
N PRO B 170 34.81 -28.35 35.04
CA PRO B 170 33.56 -28.29 34.24
C PRO B 170 33.72 -28.41 32.74
N ILE B 171 34.88 -28.01 32.17
CA ILE B 171 35.09 -28.17 30.72
C ILE B 171 35.25 -29.67 30.40
N ARG B 172 36.00 -30.39 31.27
CA ARG B 172 36.24 -31.81 31.19
C ARG B 172 34.92 -32.59 31.34
N LEU B 173 34.12 -32.22 32.36
CA LEU B 173 32.79 -32.78 32.65
C LEU B 173 31.81 -32.57 31.52
N GLY B 174 31.73 -31.33 31.05
CA GLY B 174 30.88 -30.96 29.91
C GLY B 174 31.25 -31.72 28.65
N LEU B 175 32.55 -31.90 28.40
CA LEU B 175 33.06 -32.64 27.26
C LEU B 175 32.67 -34.12 27.32
N ALA B 176 32.91 -34.75 28.48
CA ALA B 176 32.59 -36.16 28.69
C ALA B 176 31.06 -36.36 28.53
N LEU B 177 30.22 -35.41 29.05
CA LEU B 177 28.77 -35.42 28.87
C LEU B 177 28.35 -35.44 27.38
N ASN B 178 28.90 -34.52 26.58
CA ASN B 178 28.59 -34.39 25.16
C ASN B 178 29.05 -35.56 24.33
N PHE B 179 30.25 -36.10 24.64
CA PHE B 179 30.82 -37.25 23.97
C PHE B 179 29.96 -38.52 24.25
N SER B 180 29.45 -38.63 25.46
CA SER B 180 28.55 -39.72 25.86
C SER B 180 27.20 -39.56 25.13
N VAL B 181 26.73 -38.29 24.90
CA VAL B 181 25.51 -38.01 24.11
C VAL B 181 25.78 -38.47 22.65
N PHE B 182 26.96 -38.14 22.13
CA PHE B 182 27.42 -38.52 20.81
C PHE B 182 27.40 -40.07 20.68
N HIS B 183 28.03 -40.82 21.64
CA HIS B 183 28.03 -42.29 21.61
C HIS B 183 26.60 -42.86 21.55
N TYR B 184 25.72 -42.38 22.43
CA TYR B 184 24.35 -42.85 22.51
C TYR B 184 23.48 -42.54 21.29
N GLU B 185 23.39 -41.24 20.95
CA GLU B 185 22.50 -40.66 19.95
C GLU B 185 22.99 -40.71 18.53
N ILE B 186 24.30 -40.58 18.34
CA ILE B 186 24.83 -40.43 17.00
C ILE B 186 25.47 -41.71 16.51
N ALA B 187 26.44 -42.23 17.30
CA ALA B 187 27.23 -43.42 16.99
C ALA B 187 26.51 -44.73 17.31
N ASN B 188 25.29 -44.65 17.92
CA ASN B 188 24.48 -45.81 18.29
C ASN B 188 25.32 -46.87 19.08
N SER B 189 26.04 -46.39 20.12
CA SER B 189 26.84 -47.20 21.02
C SER B 189 26.36 -46.88 22.43
N PRO B 190 25.15 -47.34 22.82
CA PRO B 190 24.63 -47.03 24.16
C PRO B 190 25.55 -47.50 25.29
N GLU B 191 26.25 -48.62 25.11
CA GLU B 191 27.15 -49.17 26.12
C GLU B 191 28.33 -48.27 26.39
N GLU B 192 28.94 -47.72 25.32
CA GLU B 192 30.05 -46.77 25.45
C GLU B 192 29.60 -45.47 26.14
N ALA B 193 28.37 -45.03 25.84
CA ALA B 193 27.74 -43.82 26.37
C ALA B 193 27.52 -43.94 27.86
N ILE B 194 26.98 -45.08 28.30
CA ILE B 194 26.68 -45.38 29.70
C ILE B 194 27.99 -45.50 30.49
N SER B 195 28.93 -46.27 29.96
CA SER B 195 30.25 -46.48 30.54
C SER B 195 30.99 -45.13 30.74
N LEU B 196 31.05 -44.29 29.68
CA LEU B 196 31.68 -42.99 29.74
C LEU B 196 31.01 -42.09 30.79
N ALA B 197 29.66 -42.00 30.78
CA ALA B 197 28.90 -41.20 31.73
C ALA B 197 29.12 -41.65 33.20
N LYS B 198 29.08 -42.99 33.47
CA LYS B 198 29.32 -43.59 34.82
C LYS B 198 30.74 -43.24 35.34
N THR B 199 31.76 -43.52 34.51
CA THR B 199 33.16 -43.24 34.81
C THR B 199 33.42 -41.79 35.16
N THR B 200 32.91 -40.87 34.31
CA THR B 200 33.06 -39.44 34.49
C THR B 200 32.43 -39.02 35.83
N PHE B 201 31.20 -39.48 36.08
CA PHE B 201 30.48 -39.17 37.29
C PHE B 201 31.22 -39.67 38.54
N ASP B 202 31.66 -40.95 38.52
CA ASP B 202 32.37 -41.61 39.63
C ASP B 202 33.68 -40.90 39.97
N GLU B 203 34.47 -40.55 38.92
CA GLU B 203 35.76 -39.85 39.07
C GLU B 203 35.61 -38.44 39.63
N ALA B 204 34.52 -37.77 39.26
CA ALA B 204 34.23 -36.43 39.73
C ALA B 204 33.71 -36.50 41.17
N MET B 205 32.89 -37.52 41.46
CA MET B 205 32.32 -37.74 42.79
C MET B 205 33.43 -37.96 43.84
N ALA B 206 34.47 -38.73 43.46
CA ALA B 206 35.62 -39.04 44.34
C ALA B 206 36.40 -37.79 44.75
N ASP B 207 36.38 -36.73 43.91
CA ASP B 207 37.11 -35.48 44.16
C ASP B 207 36.28 -34.26 44.63
N LEU B 208 34.96 -34.35 44.69
CA LEU B 208 34.16 -33.19 45.07
C LEU B 208 34.52 -32.47 46.40
N HIS B 209 34.96 -33.22 47.44
CA HIS B 209 35.33 -32.65 48.74
C HIS B 209 36.54 -31.68 48.67
N THR B 210 37.35 -31.79 47.61
CA THR B 210 38.53 -30.97 47.39
C THR B 210 38.14 -29.59 46.83
N LEU B 211 36.87 -29.44 46.43
CA LEU B 211 36.34 -28.22 45.84
C LEU B 211 35.83 -27.20 46.86
N SER B 212 35.81 -25.94 46.41
CA SER B 212 35.31 -24.75 47.10
C SER B 212 33.84 -24.56 46.70
N GLU B 213 33.02 -23.93 47.55
CA GLU B 213 31.60 -23.64 47.27
C GLU B 213 31.34 -23.21 45.79
N ASP B 214 32.22 -22.36 45.21
CA ASP B 214 32.13 -21.84 43.84
C ASP B 214 32.30 -22.94 42.77
N SER B 215 33.39 -23.74 42.88
CA SER B 215 33.77 -24.83 41.97
C SER B 215 32.83 -26.03 42.11
N TYR B 216 32.44 -26.33 43.36
CA TYR B 216 31.54 -27.40 43.73
C TYR B 216 30.20 -27.32 42.96
N LYS B 217 29.55 -26.12 42.97
CA LYS B 217 28.28 -25.87 42.28
C LYS B 217 28.37 -26.09 40.75
N ASP B 218 29.54 -25.79 40.17
CA ASP B 218 29.82 -25.93 38.74
C ASP B 218 29.89 -27.40 38.34
N SER B 219 30.65 -28.16 39.11
CA SER B 219 30.88 -29.57 38.89
C SER B 219 29.64 -30.39 39.16
N THR B 220 28.92 -30.12 40.27
CA THR B 220 27.74 -30.86 40.67
C THR B 220 26.60 -30.72 39.68
N LEU B 221 26.47 -29.51 39.07
CA LEU B 221 25.47 -29.24 38.03
C LEU B 221 25.64 -30.25 36.88
N ILE B 222 26.89 -30.41 36.34
CA ILE B 222 27.15 -31.31 35.21
C ILE B 222 27.02 -32.76 35.65
N MET B 223 27.38 -33.09 36.91
CA MET B 223 27.22 -34.46 37.41
C MET B 223 25.76 -34.80 37.48
N GLN B 224 24.88 -33.85 37.85
CA GLN B 224 23.43 -34.09 37.86
C GLN B 224 22.94 -34.42 36.43
N LEU B 225 23.49 -33.75 35.42
CA LEU B 225 23.16 -34.00 34.01
C LEU B 225 23.56 -35.42 33.53
N LEU B 226 24.78 -35.85 33.89
CA LEU B 226 25.31 -37.18 33.62
C LEU B 226 24.38 -38.24 34.21
N ARG B 227 24.02 -38.06 35.48
CA ARG B 227 23.11 -38.89 36.24
C ARG B 227 21.71 -38.96 35.59
N ASP B 228 21.16 -37.80 35.13
CA ASP B 228 19.84 -37.75 34.48
C ASP B 228 19.88 -38.56 33.15
N ASN B 229 20.96 -38.41 32.37
CA ASN B 229 21.16 -39.13 31.12
C ASN B 229 21.28 -40.65 31.37
N LEU B 230 21.99 -41.05 32.45
CA LEU B 230 22.12 -42.48 32.82
C LEU B 230 20.75 -43.06 33.19
N THR B 231 19.91 -42.29 33.90
CA THR B 231 18.55 -42.70 34.28
C THR B 231 17.76 -43.00 33.01
N LEU B 232 17.90 -42.12 32.04
CA LEU B 232 17.23 -42.17 30.75
C LEU B 232 17.74 -43.27 29.82
N TRP B 233 19.05 -43.58 29.85
CA TRP B 233 19.68 -44.54 28.95
C TRP B 233 19.74 -45.96 29.40
N THR B 234 19.76 -46.19 30.73
CA THR B 234 19.94 -47.55 31.22
C THR B 234 18.64 -48.38 31.13
N ARG C 1 5.52 -2.84 33.81
CA ARG C 1 5.22 -2.27 32.50
C ARG C 1 3.74 -2.43 32.14
N ARG C 2 3.15 -1.34 31.62
CA ARG C 2 1.78 -1.26 31.13
C ARG C 2 1.51 -2.37 30.08
N ALA C 3 0.25 -2.77 30.01
CA ALA C 3 -0.23 -3.80 29.12
C ALA C 3 -0.81 -3.21 27.83
N ALA C 5 -2.85 -4.92 24.18
CA ALA C 5 -3.69 -6.07 23.81
C ALA C 5 -2.87 -7.34 23.55
N PRO C 6 -3.28 -8.47 24.14
CA PRO C 6 -2.54 -9.72 23.91
C PRO C 6 -2.85 -10.33 22.54
N LEU C 7 -2.12 -11.38 22.17
CA LEU C 7 -2.26 -12.00 20.86
C LEU C 7 -3.63 -12.69 20.64
N PRO C 8 -4.23 -12.56 19.41
CA PRO C 8 -5.53 -13.23 19.16
C PRO C 8 -5.42 -14.74 18.92
N ARG D 1 13.88 -34.71 27.45
CA ARG D 1 14.93 -34.89 26.45
C ARG D 1 16.30 -34.97 27.14
N ARG D 2 17.24 -35.74 26.56
CA ARG D 2 18.61 -35.87 27.10
C ARG D 2 19.31 -34.52 27.21
N ALA D 3 20.18 -34.39 28.19
CA ALA D 3 20.91 -33.16 28.46
C ALA D 3 22.26 -33.20 27.80
N ALA D 5 25.84 -30.50 27.50
CA ALA D 5 26.55 -29.53 28.32
C ALA D 5 25.90 -28.15 28.28
N PRO D 6 25.70 -27.55 29.45
CA PRO D 6 25.06 -26.23 29.50
C PRO D 6 26.04 -25.12 29.12
N LEU D 7 25.51 -23.93 28.87
CA LEU D 7 26.32 -22.79 28.44
C LEU D 7 27.31 -22.30 29.51
N PRO D 8 28.59 -21.99 29.12
CA PRO D 8 29.57 -21.50 30.12
C PRO D 8 29.35 -20.04 30.56
N PRO E 2 -9.05 16.02 7.97
CA PRO E 2 -9.10 15.37 6.65
C PRO E 2 -8.13 14.20 6.49
N HIS E 3 -8.48 13.26 5.61
CA HIS E 3 -7.69 12.07 5.38
C HIS E 3 -6.75 12.30 4.19
N MET E 4 -5.54 12.82 4.49
CA MET E 4 -4.52 13.20 3.50
C MET E 4 -3.20 12.41 3.63
N GLU E 5 -3.22 11.26 4.37
CA GLU E 5 -2.14 10.28 4.48
C GLU E 5 -1.94 9.71 3.06
N ARG E 6 -0.76 9.21 2.75
CA ARG E 6 -0.45 8.63 1.44
C ARG E 6 -1.52 7.63 0.98
N ALA E 7 -1.98 6.77 1.91
CA ALA E 7 -2.97 5.73 1.63
C ALA E 7 -4.29 6.34 1.23
N SER E 8 -4.68 7.44 1.91
CA SER E 8 -5.92 8.17 1.65
C SER E 8 -5.87 8.83 0.27
N LEU E 9 -4.71 9.42 -0.10
CA LEU E 9 -4.46 10.05 -1.40
C LEU E 9 -4.56 9.04 -2.53
N ILE E 10 -4.08 7.83 -2.33
CA ILE E 10 -4.14 6.77 -3.36
C ILE E 10 -5.58 6.24 -3.52
N GLN E 11 -6.34 6.17 -2.40
CA GLN E 11 -7.74 5.77 -2.40
C GLN E 11 -8.56 6.82 -3.13
N LYS E 12 -8.30 8.11 -2.82
CA LYS E 12 -8.96 9.24 -3.45
C LYS E 12 -8.70 9.29 -4.96
N ALA E 13 -7.46 8.96 -5.40
CA ALA E 13 -7.08 8.89 -6.80
C ALA E 13 -7.87 7.77 -7.51
N LYS E 14 -8.08 6.64 -6.83
CA LYS E 14 -8.87 5.52 -7.35
C LYS E 14 -10.35 5.92 -7.48
N LEU E 15 -10.86 6.71 -6.52
CA LEU E 15 -12.23 7.23 -6.54
C LEU E 15 -12.40 8.24 -7.68
N ALA E 16 -11.39 9.14 -7.86
CA ALA E 16 -11.35 10.14 -8.92
C ALA E 16 -11.31 9.46 -10.29
N GLU E 17 -10.66 8.31 -10.39
CA GLU E 17 -10.59 7.51 -11.62
C GLU E 17 -11.98 6.95 -11.96
N GLN E 18 -12.69 6.39 -10.96
CA GLN E 18 -14.05 5.87 -11.11
C GLN E 18 -15.04 6.99 -11.56
N ALA E 19 -14.88 8.20 -10.99
CA ALA E 19 -15.68 9.38 -11.27
C ALA E 19 -15.21 10.09 -12.55
N GLU E 20 -14.08 9.64 -13.15
CA GLU E 20 -13.47 10.21 -14.36
C GLU E 20 -13.06 11.67 -14.20
N ARG E 21 -12.55 12.00 -13.00
CA ARG E 21 -12.06 13.33 -12.62
C ARG E 21 -10.54 13.22 -12.58
N TYR E 22 -9.95 13.19 -13.77
CA TYR E 22 -8.52 13.00 -13.98
C TYR E 22 -7.64 14.12 -13.45
N GLU E 23 -8.14 15.38 -13.38
CA GLU E 23 -7.32 16.46 -12.81
C GLU E 23 -7.21 16.26 -11.32
N ASP E 24 -8.30 15.79 -10.69
CA ASP E 24 -8.32 15.43 -9.25
C ASP E 24 -7.41 14.24 -8.99
N MET E 25 -7.52 13.19 -9.84
CA MET E 25 -6.71 11.98 -9.81
C MET E 25 -5.23 12.33 -9.86
N ALA E 26 -4.86 13.23 -10.77
CA ALA E 26 -3.49 13.72 -10.95
C ALA E 26 -3.01 14.47 -9.69
N ALA E 27 -3.86 15.33 -9.11
CA ALA E 27 -3.56 16.09 -7.89
C ALA E 27 -3.34 15.16 -6.67
N PHE E 28 -4.18 14.10 -6.53
CA PHE E 28 -4.05 13.11 -5.47
C PHE E 28 -2.77 12.30 -5.61
N MET E 29 -2.45 11.89 -6.86
CA MET E 29 -1.25 11.14 -7.23
C MET E 29 0.00 11.95 -7.03
N LYS E 30 -0.04 13.26 -7.33
CA LYS E 30 1.08 14.18 -7.12
C LYS E 30 1.38 14.24 -5.63
N GLY E 31 0.35 14.41 -4.81
CA GLY E 31 0.44 14.46 -3.36
C GLY E 31 1.00 13.18 -2.77
N ALA E 32 0.62 12.00 -3.33
CA ALA E 32 1.09 10.70 -2.87
C ALA E 32 2.56 10.53 -3.20
N VAL E 33 2.97 10.96 -4.41
CA VAL E 33 4.37 10.93 -4.84
C VAL E 33 5.23 11.83 -3.93
N GLU E 34 4.68 12.99 -3.54
CA GLU E 34 5.36 13.96 -2.66
C GLU E 34 5.51 13.50 -1.23
N LYS E 35 4.88 12.35 -0.85
CA LYS E 35 5.07 11.77 0.48
C LYS E 35 6.49 11.14 0.59
N GLY E 36 7.07 10.79 -0.56
CA GLY E 36 8.45 10.30 -0.64
C GLY E 36 8.68 8.82 -0.76
N GLU E 37 7.61 8.01 -0.71
CA GLU E 37 7.74 6.56 -0.84
C GLU E 37 7.81 6.16 -2.32
N GLU E 38 8.45 5.02 -2.61
CA GLU E 38 8.51 4.47 -3.97
C GLU E 38 7.07 4.07 -4.36
N LEU E 39 6.74 4.15 -5.64
CA LEU E 39 5.42 3.76 -6.08
C LEU E 39 5.46 2.30 -6.47
N SER E 40 4.37 1.59 -6.17
CA SER E 40 4.19 0.20 -6.59
C SER E 40 3.75 0.23 -8.08
N CYS E 41 3.74 -0.93 -8.75
CA CYS E 41 3.32 -1.09 -10.15
C CYS E 41 1.90 -0.51 -10.34
N GLU E 42 0.98 -0.80 -9.41
CA GLU E 42 -0.39 -0.29 -9.45
C GLU E 42 -0.39 1.24 -9.34
N GLU E 43 0.42 1.82 -8.39
CA GLU E 43 0.51 3.26 -8.16
C GLU E 43 1.13 4.01 -9.33
N ARG E 44 2.15 3.43 -9.99
CA ARG E 44 2.81 3.98 -11.19
C ARG E 44 1.75 4.14 -12.26
N ASN E 45 0.93 3.11 -12.44
CA ASN E 45 -0.14 3.06 -13.42
C ASN E 45 -1.21 4.08 -13.14
N LEU E 46 -1.54 4.31 -11.83
CA LEU E 46 -2.51 5.33 -11.43
C LEU E 46 -1.98 6.73 -11.80
N LEU E 47 -0.69 6.99 -11.51
CA LEU E 47 -0.03 8.25 -11.82
C LEU E 47 -0.04 8.50 -13.35
N SER E 48 0.32 7.48 -14.12
CA SER E 48 0.38 7.51 -15.57
C SER E 48 -1.02 7.76 -16.17
N VAL E 49 -2.03 7.01 -15.71
CA VAL E 49 -3.42 7.16 -16.17
C VAL E 49 -3.93 8.59 -15.93
N ALA E 50 -3.69 9.12 -14.71
CA ALA E 50 -4.11 10.45 -14.30
C ALA E 50 -3.58 11.53 -15.24
N TYR E 51 -2.27 11.61 -15.39
CA TYR E 51 -1.62 12.66 -16.19
C TYR E 51 -1.77 12.48 -17.69
N LYS E 52 -1.82 11.22 -18.19
CA LYS E 52 -2.02 10.97 -19.61
C LYS E 52 -3.42 11.38 -20.03
N ASN E 53 -4.42 11.23 -19.13
CA ASN E 53 -5.76 11.69 -19.41
C ASN E 53 -5.85 13.21 -19.42
N VAL E 54 -5.18 13.87 -18.48
CA VAL E 54 -5.15 15.33 -18.42
C VAL E 54 -4.46 15.91 -19.66
N VAL E 55 -3.23 15.49 -19.93
CA VAL E 55 -2.44 16.00 -21.04
C VAL E 55 -3.05 15.58 -22.40
N GLY E 56 -3.64 14.40 -22.49
CA GLY E 56 -4.28 13.89 -23.69
C GLY E 56 -5.46 14.74 -24.15
N GLY E 57 -6.24 15.22 -23.20
CA GLY E 57 -7.36 16.12 -23.48
C GLY E 57 -6.88 17.48 -23.93
N GLN E 58 -5.80 17.99 -23.29
CA GLN E 58 -5.16 19.26 -23.65
C GLN E 58 -4.53 19.22 -25.04
N ARG E 59 -3.85 18.12 -25.37
CA ARG E 59 -3.21 17.90 -26.68
C ARG E 59 -4.28 17.83 -27.78
N ALA E 60 -5.38 17.13 -27.52
CA ALA E 60 -6.49 17.00 -28.48
C ALA E 60 -7.17 18.35 -28.74
N ALA E 61 -7.34 19.17 -27.67
CA ALA E 61 -7.88 20.53 -27.74
C ALA E 61 -6.92 21.42 -28.53
N TRP E 62 -5.61 21.36 -28.19
CA TRP E 62 -4.57 22.09 -28.88
C TRP E 62 -4.56 21.79 -30.40
N ARG E 63 -4.68 20.50 -30.78
CA ARG E 63 -4.73 20.06 -32.17
C ARG E 63 -5.95 20.62 -32.89
N VAL E 64 -7.12 20.65 -32.23
CA VAL E 64 -8.36 21.22 -32.80
C VAL E 64 -8.13 22.71 -33.13
N LEU E 65 -7.65 23.48 -32.13
CA LEU E 65 -7.39 24.91 -32.22
C LEU E 65 -6.34 25.25 -33.24
N SER E 66 -5.25 24.44 -33.30
CA SER E 66 -4.15 24.57 -34.26
C SER E 66 -4.66 24.41 -35.68
N SER E 67 -5.55 23.43 -35.89
CA SER E 67 -6.19 23.11 -37.16
C SER E 67 -7.02 24.32 -37.61
N ILE E 68 -7.85 24.88 -36.70
CA ILE E 68 -8.70 26.04 -36.96
C ILE E 68 -7.83 27.27 -37.31
N GLU E 69 -6.70 27.47 -36.59
CA GLU E 69 -5.72 28.55 -36.79
C GLU E 69 -5.05 28.49 -38.17
N GLN E 70 -4.69 27.28 -38.63
CA GLN E 70 -4.06 27.03 -39.92
C GLN E 70 -5.05 27.32 -41.05
N LYS E 71 -6.26 26.71 -40.97
CA LYS E 71 -7.37 26.85 -41.93
C LYS E 71 -7.81 28.29 -42.08
N SER E 72 -7.77 29.08 -40.97
CA SER E 72 -8.15 30.50 -40.96
C SER E 72 -7.15 31.36 -41.73
N ASN E 73 -5.92 30.84 -41.96
CA ASN E 73 -4.85 31.51 -42.70
C ASN E 73 -4.79 31.00 -44.16
N GLU E 74 -5.18 31.88 -45.12
CA GLU E 74 -5.20 31.59 -46.57
C GLU E 74 -5.17 32.88 -47.39
N GLY E 81 -9.49 35.14 -36.87
CA GLY E 81 -9.08 36.33 -36.15
C GLY E 81 -8.13 36.08 -34.98
N PRO E 82 -7.97 37.09 -34.08
CA PRO E 82 -7.05 36.91 -32.93
C PRO E 82 -7.46 35.88 -31.88
N GLU E 83 -8.78 35.62 -31.74
CA GLU E 83 -9.37 34.71 -30.75
C GLU E 83 -8.79 33.31 -30.77
N VAL E 84 -8.59 32.70 -31.98
CA VAL E 84 -8.03 31.35 -32.10
C VAL E 84 -6.62 31.30 -31.55
N ARG E 85 -5.78 32.28 -31.92
CA ARG E 85 -4.38 32.35 -31.49
C ARG E 85 -4.33 32.49 -29.98
N GLU E 86 -5.07 33.47 -29.42
CA GLU E 86 -5.14 33.74 -27.98
C GLU E 86 -5.57 32.53 -27.19
N TYR E 87 -6.61 31.84 -27.67
CA TYR E 87 -7.16 30.68 -26.99
C TYR E 87 -6.23 29.46 -27.12
N ARG E 88 -5.63 29.24 -28.32
CA ARG E 88 -4.64 28.18 -28.55
C ARG E 88 -3.44 28.38 -27.60
N GLU E 89 -3.02 29.64 -27.41
CA GLU E 89 -1.93 30.02 -26.50
C GLU E 89 -2.26 29.70 -25.05
N LYS E 90 -3.54 29.90 -24.64
CA LYS E 90 -4.00 29.61 -23.29
C LYS E 90 -3.92 28.12 -23.01
N VAL E 91 -4.39 27.30 -23.96
CA VAL E 91 -4.42 25.83 -23.90
C VAL E 91 -2.98 25.29 -23.83
N GLU E 92 -2.11 25.87 -24.65
CA GLU E 92 -0.69 25.58 -24.76
C GLU E 92 0.00 25.80 -23.41
N THR E 93 -0.29 26.92 -22.73
CA THR E 93 0.24 27.28 -21.41
C THR E 93 -0.23 26.28 -20.34
N GLU E 94 -1.49 25.86 -20.39
CA GLU E 94 -2.02 24.87 -19.45
C GLU E 94 -1.36 23.51 -19.66
N LEU E 95 -1.17 23.08 -20.93
CA LEU E 95 -0.49 21.85 -21.32
C LEU E 95 0.96 21.86 -20.84
N GLN E 96 1.65 22.99 -21.04
CA GLN E 96 3.04 23.18 -20.63
C GLN E 96 3.21 23.03 -19.13
N GLY E 97 2.26 23.57 -18.36
CA GLY E 97 2.23 23.50 -16.91
C GLY E 97 2.06 22.07 -16.39
N VAL E 98 1.22 21.28 -17.06
CA VAL E 98 1.00 19.88 -16.69
C VAL E 98 2.28 19.06 -16.97
N CYS E 99 2.89 19.26 -18.15
CA CYS E 99 4.14 18.59 -18.53
C CYS E 99 5.25 18.94 -17.56
N ASP E 100 5.40 20.23 -17.22
CA ASP E 100 6.37 20.71 -16.22
C ASP E 100 6.15 20.11 -14.84
N THR E 101 4.88 19.87 -14.44
CA THR E 101 4.52 19.24 -13.17
C THR E 101 5.01 17.77 -13.15
N VAL E 102 4.65 16.98 -14.22
CA VAL E 102 5.04 15.59 -14.37
C VAL E 102 6.56 15.48 -14.35
N LEU E 103 7.25 16.30 -15.19
CA LEU E 103 8.69 16.31 -15.31
C LEU E 103 9.37 16.69 -14.00
N GLY E 104 8.75 17.60 -13.24
CA GLY E 104 9.25 17.98 -11.92
C GLY E 104 9.16 16.82 -10.95
N LEU E 105 8.03 16.06 -10.98
CA LEU E 105 7.83 14.88 -10.13
C LEU E 105 8.82 13.78 -10.48
N LEU E 106 9.02 13.54 -11.79
CA LEU E 106 9.95 12.53 -12.29
C LEU E 106 11.39 12.83 -11.88
N ASP E 107 11.80 14.12 -11.98
CA ASP E 107 13.16 14.51 -11.67
C ASP E 107 13.42 14.64 -10.18
N SER E 108 12.47 15.11 -9.41
CA SER E 108 12.73 15.28 -7.98
C SER E 108 12.34 14.08 -7.11
N HIS E 109 11.55 13.12 -7.62
CA HIS E 109 11.11 12.02 -6.78
C HIS E 109 11.20 10.62 -7.36
N LEU E 110 10.83 10.45 -8.62
CA LEU E 110 10.65 9.13 -9.21
C LEU E 110 11.85 8.49 -9.91
N ILE E 111 12.57 9.20 -10.78
CA ILE E 111 13.70 8.60 -11.51
C ILE E 111 14.85 8.26 -10.55
N LYS E 112 15.21 9.19 -9.66
CA LYS E 112 16.28 8.96 -8.68
C LYS E 112 15.99 7.74 -7.77
N GLU E 113 14.80 7.72 -7.12
CA GLU E 113 14.37 6.71 -6.15
C GLU E 113 13.90 5.36 -6.74
N ALA E 114 13.94 5.18 -8.09
CA ALA E 114 13.53 3.92 -8.73
C ALA E 114 14.51 2.74 -8.43
N GLY E 115 13.96 1.66 -7.86
CA GLY E 115 14.73 0.47 -7.52
C GLY E 115 14.98 -0.40 -8.74
N ASP E 116 13.94 -1.21 -9.11
CA ASP E 116 13.90 -2.16 -10.24
C ASP E 116 14.12 -1.52 -11.62
N ALA E 117 14.55 -2.33 -12.62
CA ALA E 117 14.81 -1.87 -14.00
C ALA E 117 13.53 -1.49 -14.71
N GLU E 118 12.44 -2.25 -14.44
CA GLU E 118 11.11 -2.03 -15.02
C GLU E 118 10.58 -0.65 -14.65
N SER E 119 10.81 -0.22 -13.39
CA SER E 119 10.39 1.08 -12.93
C SER E 119 11.25 2.19 -13.53
N ARG E 120 12.57 1.97 -13.63
CA ARG E 120 13.49 2.96 -14.21
C ARG E 120 13.11 3.20 -15.70
N VAL E 121 12.74 2.12 -16.44
CA VAL E 121 12.34 2.23 -17.85
C VAL E 121 11.02 2.97 -17.93
N PHE E 122 10.07 2.59 -17.07
CA PHE E 122 8.75 3.20 -16.97
C PHE E 122 8.84 4.73 -16.79
N TYR E 123 9.67 5.19 -15.81
CA TYR E 123 9.82 6.61 -15.52
C TYR E 123 10.58 7.34 -16.56
N LEU E 124 11.62 6.71 -17.14
CA LEU E 124 12.39 7.34 -18.20
C LEU E 124 11.58 7.50 -19.49
N LYS E 125 10.68 6.53 -19.78
CA LYS E 125 9.76 6.57 -20.92
C LYS E 125 8.78 7.72 -20.72
N MET E 126 8.25 7.84 -19.50
CA MET E 126 7.34 8.90 -19.10
C MET E 126 8.02 10.27 -19.28
N LYS E 127 9.30 10.38 -18.91
CA LYS E 127 10.11 11.60 -19.08
C LYS E 127 10.24 11.98 -20.58
N GLY E 128 10.48 10.97 -21.43
CA GLY E 128 10.55 11.14 -22.87
C GLY E 128 9.21 11.57 -23.44
N ASP E 129 8.14 10.92 -23.00
CA ASP E 129 6.76 11.24 -23.41
C ASP E 129 6.39 12.69 -23.13
N TYR E 130 6.61 13.17 -21.88
CA TYR E 130 6.23 14.54 -21.52
C TYR E 130 7.12 15.57 -22.14
N TYR E 131 8.38 15.24 -22.43
CA TYR E 131 9.23 16.16 -23.20
C TYR E 131 8.76 16.19 -24.67
N ARG E 132 8.31 15.02 -25.20
CA ARG E 132 7.77 14.89 -26.54
C ARG E 132 6.48 15.74 -26.66
N TYR E 133 5.61 15.74 -25.61
CA TYR E 133 4.39 16.55 -25.62
C TYR E 133 4.73 18.03 -25.62
N LEU E 134 5.77 18.41 -24.88
CA LEU E 134 6.26 19.80 -24.88
C LEU E 134 6.80 20.17 -26.27
N ALA E 135 7.50 19.24 -26.95
CA ALA E 135 8.08 19.43 -28.29
C ALA E 135 7.02 19.61 -29.37
N GLU E 136 5.82 19.05 -29.16
CA GLU E 136 4.68 19.13 -30.09
C GLU E 136 4.20 20.56 -30.25
N VAL E 137 4.39 21.38 -29.20
CA VAL E 137 3.90 22.76 -29.16
C VAL E 137 5.03 23.81 -29.16
N ALA E 138 6.28 23.39 -28.79
CA ALA E 138 7.46 24.27 -28.73
C ALA E 138 7.87 24.77 -30.13
N THR E 139 8.62 25.89 -30.20
CA THR E 139 8.94 26.50 -31.50
C THR E 139 10.41 26.75 -31.87
N GLY E 140 11.16 27.50 -31.06
CA GLY E 140 12.51 27.93 -31.44
C GLY E 140 13.68 27.08 -31.00
N ASP E 141 14.57 27.72 -30.22
CA ASP E 141 15.77 27.12 -29.63
C ASP E 141 15.33 26.26 -28.44
N ASP E 142 14.19 26.64 -27.85
CA ASP E 142 13.57 25.92 -26.75
C ASP E 142 13.16 24.53 -27.26
N LYS E 143 12.57 24.47 -28.48
CA LYS E 143 12.16 23.22 -29.14
C LYS E 143 13.35 22.27 -29.28
N LYS E 144 14.51 22.81 -29.72
CA LYS E 144 15.77 22.06 -29.89
C LYS E 144 16.24 21.43 -28.57
N ARG E 145 16.21 22.21 -27.47
CA ARG E 145 16.59 21.76 -26.14
C ARG E 145 15.65 20.66 -25.67
N ILE E 146 14.31 20.84 -25.88
CA ILE E 146 13.26 19.89 -25.54
C ILE E 146 13.42 18.56 -26.32
N ILE E 147 13.71 18.65 -27.64
CA ILE E 147 13.93 17.49 -28.50
C ILE E 147 15.13 16.67 -28.01
N ASP E 148 16.21 17.36 -27.59
CA ASP E 148 17.40 16.73 -27.05
C ASP E 148 17.10 16.01 -25.74
N SER E 149 16.34 16.65 -24.82
CA SER E 149 15.93 16.11 -23.52
C SER E 149 15.04 14.87 -23.69
N ALA E 150 14.10 14.91 -24.66
CA ALA E 150 13.21 13.80 -24.98
C ALA E 150 14.02 12.60 -25.52
N ARG E 151 14.97 12.87 -26.47
CA ARG E 151 15.85 11.86 -27.06
C ARG E 151 16.72 11.16 -26.00
N SER E 152 17.32 11.93 -25.06
CA SER E 152 18.15 11.43 -23.96
C SER E 152 17.40 10.50 -23.01
N ALA E 153 16.17 10.89 -22.62
CA ALA E 153 15.33 10.11 -21.72
C ALA E 153 14.98 8.77 -22.37
N TYR E 154 14.52 8.81 -23.64
CA TYR E 154 14.17 7.62 -24.43
C TYR E 154 15.33 6.68 -24.64
N GLN E 155 16.50 7.22 -24.98
CA GLN E 155 17.71 6.42 -25.22
C GLN E 155 18.17 5.72 -23.94
N GLU E 156 18.19 6.45 -22.79
CA GLU E 156 18.56 5.85 -21.51
C GLU E 156 17.63 4.66 -21.18
N ALA E 157 16.31 4.84 -21.43
CA ALA E 157 15.28 3.83 -21.24
C ALA E 157 15.47 2.63 -22.19
N MET E 158 15.80 2.90 -23.47
CA MET E 158 16.07 1.87 -24.49
C MET E 158 17.26 1.00 -24.08
N ASP E 159 18.37 1.65 -23.64
CA ASP E 159 19.58 0.96 -23.17
C ASP E 159 19.24 0.00 -22.02
N ILE E 160 18.45 0.47 -21.04
CA ILE E 160 18.05 -0.38 -19.92
C ILE E 160 17.14 -1.51 -20.37
N SER E 161 16.11 -1.21 -21.16
CA SER E 161 15.13 -2.21 -21.62
C SER E 161 15.74 -3.32 -22.50
N LYS E 162 16.72 -2.97 -23.36
CA LYS E 162 17.40 -3.95 -24.21
C LYS E 162 18.25 -4.94 -23.38
N LYS E 163 18.85 -4.44 -22.28
CA LYS E 163 19.68 -5.22 -21.36
C LYS E 163 18.89 -5.98 -20.29
N GLU E 164 17.77 -5.42 -19.81
CA GLU E 164 17.06 -5.99 -18.67
C GLU E 164 15.67 -6.60 -18.94
N MET E 165 15.03 -6.28 -20.05
CA MET E 165 13.68 -6.80 -20.31
C MET E 165 13.60 -7.67 -21.56
N PRO E 166 12.70 -8.68 -21.62
CA PRO E 166 12.56 -9.47 -22.86
C PRO E 166 11.93 -8.63 -24.00
N PRO E 167 12.21 -8.93 -25.29
CA PRO E 167 11.64 -8.11 -26.38
C PRO E 167 10.11 -8.06 -26.47
N THR E 168 9.41 -8.96 -25.78
CA THR E 168 7.94 -9.05 -25.72
C THR E 168 7.35 -8.25 -24.57
N ASN E 169 8.19 -7.77 -23.64
CA ASN E 169 7.74 -6.97 -22.49
C ASN E 169 6.94 -5.72 -22.95
N PRO E 170 5.69 -5.54 -22.46
CA PRO E 170 4.88 -4.37 -22.91
C PRO E 170 5.45 -2.99 -22.58
N ILE E 171 6.25 -2.84 -21.50
CA ILE E 171 6.87 -1.54 -21.19
C ILE E 171 7.95 -1.26 -22.26
N ARG E 172 8.74 -2.29 -22.60
CA ARG E 172 9.78 -2.21 -23.61
C ARG E 172 9.15 -1.89 -24.98
N LEU E 173 8.07 -2.61 -25.36
CA LEU E 173 7.32 -2.45 -26.61
C LEU E 173 6.73 -1.06 -26.74
N GLY E 174 6.09 -0.58 -25.68
CA GLY E 174 5.53 0.76 -25.63
C GLY E 174 6.59 1.84 -25.75
N LEU E 175 7.73 1.62 -25.11
CA LEU E 175 8.82 2.57 -25.16
C LEU E 175 9.37 2.68 -26.59
N ALA E 176 9.59 1.53 -27.22
CA ALA E 176 10.09 1.48 -28.59
C ALA E 176 9.08 2.15 -29.54
N LEU E 177 7.77 1.92 -29.34
CA LEU E 177 6.67 2.55 -30.10
C LEU E 177 6.73 4.08 -30.01
N ASN E 178 6.80 4.62 -28.78
CA ASN E 178 6.85 6.06 -28.53
C ASN E 178 8.10 6.72 -29.04
N PHE E 179 9.26 6.06 -28.89
CA PHE E 179 10.53 6.57 -29.38
C PHE E 179 10.53 6.62 -30.92
N SER E 180 9.89 5.64 -31.58
CA SER E 180 9.75 5.61 -33.04
C SER E 180 8.78 6.73 -33.48
N VAL E 181 7.74 7.04 -32.67
CA VAL E 181 6.81 8.16 -32.93
C VAL E 181 7.63 9.47 -32.81
N PHE E 182 8.47 9.58 -31.77
CA PHE E 182 9.38 10.69 -31.55
C PHE E 182 10.28 10.89 -32.79
N HIS E 183 10.91 9.80 -33.26
CA HIS E 183 11.76 9.81 -34.45
C HIS E 183 11.06 10.37 -35.69
N TYR E 184 9.87 9.85 -35.98
CA TYR E 184 9.07 10.24 -37.13
C TYR E 184 8.51 11.67 -37.06
N GLU E 185 7.78 11.96 -35.98
CA GLU E 185 7.01 13.19 -35.75
C GLU E 185 7.77 14.38 -35.20
N ILE E 186 8.74 14.13 -34.33
CA ILE E 186 9.41 15.21 -33.63
C ILE E 186 10.78 15.50 -34.22
N ALA E 187 11.61 14.46 -34.31
CA ALA E 187 12.99 14.55 -34.78
C ALA E 187 13.11 14.54 -36.31
N ASN E 188 11.97 14.35 -37.03
CA ASN E 188 11.92 14.30 -38.49
C ASN E 188 13.00 13.32 -39.07
N SER E 189 13.03 12.10 -38.53
CA SER E 189 13.91 11.01 -38.95
C SER E 189 13.01 9.81 -39.25
N PRO E 190 12.25 9.85 -40.37
CA PRO E 190 11.36 8.72 -40.70
C PRO E 190 12.07 7.37 -40.83
N GLU E 191 13.32 7.38 -41.32
CA GLU E 191 14.10 6.17 -41.50
C GLU E 191 14.41 5.49 -40.17
N GLU E 192 14.85 6.27 -39.15
CA GLU E 192 15.13 5.78 -37.80
C GLU E 192 13.85 5.21 -37.16
N ALA E 193 12.70 5.91 -37.39
CA ALA E 193 11.36 5.57 -36.93
C ALA E 193 10.95 4.20 -37.42
N ILE E 194 11.03 3.98 -38.77
CA ILE E 194 10.65 2.75 -39.47
C ILE E 194 11.55 1.60 -39.04
N SER E 195 12.86 1.85 -39.01
CA SER E 195 13.86 0.87 -38.59
C SER E 195 13.59 0.39 -37.16
N LEU E 196 13.41 1.34 -36.21
CA LEU E 196 13.13 1.03 -34.81
C LEU E 196 11.81 0.22 -34.67
N ALA E 197 10.74 0.66 -35.34
CA ALA E 197 9.44 -0.02 -35.28
C ALA E 197 9.51 -1.45 -35.85
N LYS E 198 10.20 -1.64 -37.03
CA LYS E 198 10.40 -2.96 -37.67
C LYS E 198 11.16 -3.91 -36.74
N THR E 199 12.33 -3.46 -36.23
CA THR E 199 13.20 -4.21 -35.32
C THR E 199 12.45 -4.68 -34.07
N THR E 200 11.72 -3.75 -33.42
CA THR E 200 10.94 -4.04 -32.22
C THR E 200 9.88 -5.11 -32.51
N PHE E 201 9.14 -4.93 -33.62
CA PHE E 201 8.12 -5.87 -34.04
C PHE E 201 8.71 -7.25 -34.33
N ASP E 202 9.81 -7.32 -35.12
CA ASP E 202 10.49 -8.55 -35.50
C ASP E 202 11.02 -9.32 -34.30
N GLU E 203 11.65 -8.60 -33.35
CA GLU E 203 12.21 -9.20 -32.14
C GLU E 203 11.13 -9.75 -31.22
N ALA E 204 9.96 -9.07 -31.17
CA ALA E 204 8.83 -9.51 -30.35
C ALA E 204 8.17 -10.72 -31.02
N MET E 205 8.06 -10.67 -32.36
CA MET E 205 7.49 -11.74 -33.17
C MET E 205 8.26 -13.06 -33.01
N ALA E 206 9.62 -13.00 -32.99
CA ALA E 206 10.50 -14.15 -32.83
C ALA E 206 10.31 -14.87 -31.49
N ASP E 207 9.81 -14.15 -30.44
CA ASP E 207 9.60 -14.71 -29.10
C ASP E 207 8.15 -15.04 -28.72
N LEU E 208 7.14 -14.70 -29.56
CA LEU E 208 5.74 -14.91 -29.21
C LEU E 208 5.38 -16.33 -28.73
N HIS E 209 5.92 -17.39 -29.37
CA HIS E 209 5.64 -18.80 -29.06
C HIS E 209 6.05 -19.24 -27.64
N THR E 210 6.96 -18.48 -27.01
CA THR E 210 7.46 -18.76 -25.67
C THR E 210 6.51 -18.23 -24.57
N LEU E 211 5.68 -17.21 -24.88
CA LEU E 211 4.75 -16.56 -23.95
C LEU E 211 3.54 -17.38 -23.49
N SER E 212 2.96 -16.97 -22.34
CA SER E 212 1.75 -17.51 -21.70
C SER E 212 0.61 -16.62 -22.22
N GLU E 213 -0.65 -17.13 -22.21
CA GLU E 213 -1.86 -16.43 -22.70
C GLU E 213 -2.03 -14.97 -22.17
N ASP E 214 -1.70 -14.75 -20.88
CA ASP E 214 -1.81 -13.44 -20.21
C ASP E 214 -0.78 -12.42 -20.77
N SER E 215 0.50 -12.84 -20.84
CA SER E 215 1.64 -12.06 -21.34
C SER E 215 1.39 -11.63 -22.81
N TYR E 216 0.96 -12.63 -23.61
CA TYR E 216 0.64 -12.62 -25.03
C TYR E 216 -0.27 -11.49 -25.47
N LYS E 217 -1.45 -11.39 -24.83
CA LYS E 217 -2.50 -10.42 -25.15
C LYS E 217 -2.06 -8.96 -25.09
N ASP E 218 -1.24 -8.57 -24.09
CA ASP E 218 -0.76 -7.17 -23.94
C ASP E 218 0.39 -6.82 -24.90
N SER E 219 1.24 -7.81 -25.20
CA SER E 219 2.35 -7.71 -26.13
C SER E 219 1.84 -7.51 -27.58
N THR E 220 0.88 -8.36 -28.02
CA THR E 220 0.35 -8.35 -29.38
C THR E 220 -0.48 -7.10 -29.68
N LEU E 221 -1.02 -6.43 -28.65
CA LEU E 221 -1.76 -5.18 -28.85
C LEU E 221 -0.81 -4.07 -29.34
N ILE E 222 0.35 -3.92 -28.66
CA ILE E 222 1.38 -2.93 -28.98
C ILE E 222 2.03 -3.27 -30.32
N MET E 223 2.15 -4.59 -30.61
CA MET E 223 2.68 -5.13 -31.85
C MET E 223 1.79 -4.73 -33.02
N GLN E 224 0.45 -4.79 -32.81
CA GLN E 224 -0.56 -4.37 -33.79
C GLN E 224 -0.43 -2.89 -34.08
N LEU E 225 -0.11 -2.10 -33.05
CA LEU E 225 0.10 -0.66 -33.15
C LEU E 225 1.34 -0.30 -33.96
N LEU E 226 2.46 -1.04 -33.74
CA LEU E 226 3.74 -0.86 -34.45
C LEU E 226 3.53 -1.14 -35.91
N ARG E 227 2.80 -2.22 -36.18
CA ARG E 227 2.45 -2.66 -37.53
C ARG E 227 1.58 -1.59 -38.22
N ASP E 228 0.60 -0.99 -37.49
CA ASP E 228 -0.27 0.05 -38.05
C ASP E 228 0.55 1.29 -38.43
N ASN E 229 1.48 1.71 -37.53
CA ASN E 229 2.37 2.86 -37.74
C ASN E 229 3.29 2.63 -38.93
N LEU E 230 3.81 1.39 -39.09
CA LEU E 230 4.67 1.02 -40.22
C LEU E 230 3.90 1.10 -41.54
N THR E 231 2.63 0.65 -41.54
CA THR E 231 1.76 0.71 -42.71
C THR E 231 1.59 2.19 -43.14
N LEU E 232 1.41 3.05 -42.14
CA LEU E 232 1.23 4.49 -42.29
C LEU E 232 2.51 5.24 -42.73
N TRP E 233 3.69 4.81 -42.25
CA TRP E 233 4.96 5.49 -42.49
C TRP E 233 5.70 5.07 -43.72
N THR E 234 5.57 3.79 -44.12
CA THR E 234 6.25 3.26 -45.29
C THR E 234 5.42 3.51 -46.57
N GLY F 1 -13.77 47.51 -26.32
CA GLY F 1 -15.07 47.93 -25.84
C GLY F 1 -15.97 46.75 -25.54
N PRO F 2 -17.06 46.94 -24.73
CA PRO F 2 -17.95 45.79 -24.38
C PRO F 2 -18.49 44.97 -25.53
N HIS F 3 -18.86 45.62 -26.64
CA HIS F 3 -19.38 44.96 -27.83
C HIS F 3 -18.32 44.07 -28.47
N MET F 4 -17.07 44.56 -28.57
CA MET F 4 -15.94 43.87 -29.17
C MET F 4 -15.50 42.70 -28.29
N GLU F 5 -15.39 42.96 -26.97
CA GLU F 5 -15.06 41.98 -25.92
C GLU F 5 -16.08 40.84 -25.95
N ARG F 6 -17.38 41.18 -26.11
CA ARG F 6 -18.49 40.24 -26.16
C ARG F 6 -18.38 39.28 -27.33
N ALA F 7 -18.08 39.83 -28.53
CA ALA F 7 -17.94 39.08 -29.78
C ALA F 7 -16.78 38.06 -29.66
N SER F 8 -15.68 38.49 -29.04
CA SER F 8 -14.50 37.67 -28.80
C SER F 8 -14.83 36.49 -27.87
N LEU F 9 -15.56 36.77 -26.79
CA LEU F 9 -15.97 35.80 -25.80
C LEU F 9 -16.89 34.73 -26.40
N ILE F 10 -17.79 35.14 -27.32
CA ILE F 10 -18.69 34.20 -28.00
C ILE F 10 -17.90 33.32 -28.98
N GLN F 11 -16.90 33.90 -29.67
CA GLN F 11 -16.05 33.16 -30.60
C GLN F 11 -15.24 32.13 -29.83
N LYS F 12 -14.67 32.55 -28.70
CA LYS F 12 -13.88 31.71 -27.81
C LYS F 12 -14.72 30.55 -27.23
N ALA F 13 -16.00 30.80 -26.88
CA ALA F 13 -16.94 29.79 -26.39
C ALA F 13 -17.22 28.75 -27.49
N LYS F 14 -17.33 29.19 -28.75
CA LYS F 14 -17.53 28.32 -29.91
C LYS F 14 -16.28 27.46 -30.16
N LEU F 15 -15.09 28.04 -29.94
CA LEU F 15 -13.81 27.34 -30.07
C LEU F 15 -13.68 26.29 -28.95
N ALA F 16 -14.02 26.68 -27.70
CA ALA F 16 -14.00 25.82 -26.52
C ALA F 16 -14.97 24.64 -26.69
N GLU F 17 -16.10 24.87 -27.38
CA GLU F 17 -17.07 23.82 -27.68
C GLU F 17 -16.47 22.79 -28.65
N GLN F 18 -15.78 23.27 -29.70
CA GLN F 18 -15.08 22.42 -30.70
C GLN F 18 -13.99 21.58 -30.03
N ALA F 19 -13.26 22.19 -29.08
CA ALA F 19 -12.18 21.59 -28.32
C ALA F 19 -12.70 20.74 -27.14
N GLU F 20 -14.02 20.78 -26.89
CA GLU F 20 -14.72 20.07 -25.81
C GLU F 20 -14.19 20.47 -24.41
N ARG F 21 -13.89 21.77 -24.24
CA ARG F 21 -13.41 22.38 -22.99
C ARG F 21 -14.58 23.18 -22.46
N TYR F 22 -15.54 22.47 -21.88
CA TYR F 22 -16.80 23.01 -21.41
C TYR F 22 -16.67 23.96 -20.23
N GLU F 23 -15.63 23.82 -19.37
CA GLU F 23 -15.45 24.77 -18.25
C GLU F 23 -15.00 26.10 -18.82
N ASP F 24 -14.17 26.07 -19.88
CA ASP F 24 -13.71 27.27 -20.60
C ASP F 24 -14.89 27.91 -21.29
N MET F 25 -15.68 27.08 -22.02
CA MET F 25 -16.90 27.49 -22.73
C MET F 25 -17.86 28.22 -21.79
N ALA F 26 -18.07 27.67 -20.59
CA ALA F 26 -18.93 28.24 -19.54
C ALA F 26 -18.38 29.59 -19.08
N ALA F 27 -17.06 29.68 -18.86
CA ALA F 27 -16.40 30.91 -18.42
C ALA F 27 -16.52 32.03 -19.47
N PHE F 28 -16.38 31.68 -20.77
CA PHE F 28 -16.50 32.62 -21.88
C PHE F 28 -17.94 33.11 -22.00
N MET F 29 -18.92 32.19 -21.84
CA MET F 29 -20.35 32.48 -21.91
C MET F 29 -20.80 33.34 -20.74
N LYS F 30 -20.26 33.10 -19.55
CA LYS F 30 -20.52 33.90 -18.35
C LYS F 30 -20.08 35.34 -18.61
N GLY F 31 -18.86 35.51 -19.13
CA GLY F 31 -18.30 36.80 -19.46
C GLY F 31 -19.10 37.55 -20.51
N ALA F 32 -19.58 36.83 -21.57
CA ALA F 32 -20.39 37.45 -22.63
C ALA F 32 -21.77 37.92 -22.07
N VAL F 33 -22.37 37.09 -21.17
CA VAL F 33 -23.63 37.44 -20.49
C VAL F 33 -23.43 38.72 -19.62
N GLU F 34 -22.27 38.82 -18.95
CA GLU F 34 -21.93 39.94 -18.08
C GLU F 34 -21.72 41.24 -18.81
N LYS F 35 -21.62 41.21 -20.17
CA LYS F 35 -21.48 42.42 -20.99
C LYS F 35 -22.80 43.22 -21.03
N GLY F 36 -23.91 42.56 -20.73
CA GLY F 36 -25.21 43.18 -20.60
C GLY F 36 -26.17 43.09 -21.76
N GLU F 37 -25.75 42.53 -22.91
CA GLU F 37 -26.64 42.41 -24.06
C GLU F 37 -27.48 41.14 -23.93
N GLU F 38 -28.70 41.16 -24.51
CA GLU F 38 -29.61 40.00 -24.53
C GLU F 38 -28.93 38.93 -25.37
N LEU F 39 -29.19 37.67 -25.05
CA LEU F 39 -28.60 36.58 -25.81
C LEU F 39 -29.54 36.19 -26.91
N SER F 40 -28.98 35.86 -28.08
CA SER F 40 -29.73 35.33 -29.21
C SER F 40 -30.00 33.85 -28.92
N CYS F 41 -30.88 33.22 -29.71
CA CYS F 41 -31.23 31.80 -29.58
C CYS F 41 -29.96 30.92 -29.63
N GLU F 42 -29.02 31.22 -30.56
CA GLU F 42 -27.75 30.52 -30.69
C GLU F 42 -26.90 30.69 -29.40
N GLU F 43 -26.83 31.92 -28.86
CA GLU F 43 -26.06 32.24 -27.64
C GLU F 43 -26.63 31.60 -26.41
N ARG F 44 -27.98 31.53 -26.27
CA ARG F 44 -28.68 30.88 -25.16
C ARG F 44 -28.27 29.41 -25.13
N ASN F 45 -28.27 28.79 -26.32
CA ASN F 45 -27.91 27.40 -26.52
C ASN F 45 -26.46 27.13 -26.20
N LEU F 46 -25.55 28.09 -26.52
CA LEU F 46 -24.12 27.98 -26.17
C LEU F 46 -23.98 27.99 -24.64
N LEU F 47 -24.68 28.91 -23.96
CA LEU F 47 -24.66 29.05 -22.51
C LEU F 47 -25.17 27.74 -21.85
N SER F 48 -26.30 27.22 -22.35
CA SER F 48 -26.94 26.00 -21.86
C SER F 48 -26.02 24.78 -22.05
N VAL F 49 -25.46 24.60 -23.25
CA VAL F 49 -24.53 23.52 -23.57
C VAL F 49 -23.31 23.53 -22.65
N ALA F 50 -22.69 24.70 -22.48
CA ALA F 50 -21.53 24.91 -21.63
C ALA F 50 -21.76 24.44 -20.21
N TYR F 51 -22.76 25.00 -19.52
CA TYR F 51 -23.05 24.70 -18.12
C TYR F 51 -23.68 23.34 -17.89
N LYS F 52 -24.49 22.83 -18.83
CA LYS F 52 -25.08 21.49 -18.69
C LYS F 52 -23.99 20.43 -18.80
N ASN F 53 -22.96 20.67 -19.62
CA ASN F 53 -21.82 19.75 -19.71
C ASN F 53 -20.97 19.78 -18.45
N VAL F 54 -20.72 20.96 -17.90
CA VAL F 54 -20.00 21.11 -16.64
C VAL F 54 -20.72 20.42 -15.49
N VAL F 55 -21.99 20.81 -15.25
CA VAL F 55 -22.79 20.31 -14.15
C VAL F 55 -23.13 18.81 -14.35
N GLY F 56 -23.30 18.37 -15.59
CA GLY F 56 -23.62 16.99 -15.93
C GLY F 56 -22.51 16.03 -15.57
N GLY F 57 -21.26 16.46 -15.74
CA GLY F 57 -20.09 15.66 -15.38
C GLY F 57 -19.97 15.59 -13.87
N GLN F 58 -20.22 16.74 -13.19
CA GLN F 58 -20.18 16.80 -11.72
C GLN F 58 -21.26 15.91 -11.09
N ARG F 59 -22.49 15.94 -11.62
CA ARG F 59 -23.63 15.15 -11.16
C ARG F 59 -23.32 13.66 -11.36
N ALA F 60 -22.74 13.29 -12.54
CA ALA F 60 -22.39 11.91 -12.86
C ALA F 60 -21.31 11.39 -11.88
N ALA F 61 -20.33 12.24 -11.54
CA ALA F 61 -19.23 11.94 -10.62
C ALA F 61 -19.83 11.77 -9.21
N TRP F 62 -20.70 12.72 -8.80
CA TRP F 62 -21.38 12.69 -7.52
C TRP F 62 -22.19 11.38 -7.36
N ARG F 63 -22.83 10.92 -8.45
CA ARG F 63 -23.62 9.69 -8.45
C ARG F 63 -22.73 8.48 -8.27
N VAL F 64 -21.56 8.46 -8.93
CA VAL F 64 -20.58 7.38 -8.80
C VAL F 64 -20.15 7.26 -7.33
N LEU F 65 -19.72 8.38 -6.75
CA LEU F 65 -19.24 8.49 -5.38
C LEU F 65 -20.29 8.12 -4.33
N SER F 66 -21.55 8.55 -4.53
CA SER F 66 -22.67 8.27 -3.63
C SER F 66 -22.98 6.79 -3.68
N SER F 67 -22.95 6.21 -4.89
CA SER F 67 -23.18 4.81 -5.10
C SER F 67 -22.15 4.02 -4.28
N ILE F 68 -20.84 4.38 -4.36
CA ILE F 68 -19.78 3.71 -3.61
C ILE F 68 -20.04 3.84 -2.10
N GLU F 69 -20.26 5.07 -1.64
CA GLU F 69 -20.55 5.46 -0.24
C GLU F 69 -21.70 4.71 0.39
N GLN F 70 -22.71 4.36 -0.41
CA GLN F 70 -23.90 3.69 0.09
C GLN F 70 -23.95 2.20 -0.26
N LYS F 71 -23.22 1.74 -1.31
CA LYS F 71 -23.16 0.31 -1.69
C LYS F 71 -22.17 -0.44 -0.80
N SER F 72 -21.52 0.31 0.11
CA SER F 72 -20.62 -0.21 1.14
C SER F 72 -21.47 -0.70 2.30
N ASN F 73 -22.71 -0.15 2.43
CA ASN F 73 -23.70 -0.52 3.44
C ASN F 73 -24.30 -1.87 3.03
N GLU F 74 -23.43 -2.90 2.98
CA GLU F 74 -23.69 -4.27 2.58
C GLU F 74 -23.02 -5.24 3.57
N ALA F 79 -17.74 -2.23 4.48
CA ALA F 79 -17.85 -0.77 4.56
C ALA F 79 -16.77 0.01 3.73
N ALA F 80 -17.02 1.32 3.50
CA ALA F 80 -16.14 2.27 2.81
C ALA F 80 -15.69 3.32 3.83
N GLY F 81 -14.41 3.68 3.76
CA GLY F 81 -13.80 4.61 4.70
C GLY F 81 -14.21 6.07 4.58
N PRO F 82 -13.52 6.96 5.32
CA PRO F 82 -13.85 8.40 5.26
C PRO F 82 -13.57 9.10 3.93
N GLU F 83 -12.62 8.56 3.12
CA GLU F 83 -12.20 9.13 1.83
C GLU F 83 -13.34 9.35 0.86
N VAL F 84 -14.29 8.40 0.71
CA VAL F 84 -15.44 8.52 -0.18
C VAL F 84 -16.32 9.69 0.21
N ARG F 85 -16.63 9.83 1.52
CA ARG F 85 -17.45 10.93 2.03
C ARG F 85 -16.77 12.25 1.76
N GLU F 86 -15.48 12.38 2.12
CA GLU F 86 -14.69 13.59 1.94
C GLU F 86 -14.62 14.04 0.48
N TYR F 87 -14.40 13.06 -0.41
CA TYR F 87 -14.28 13.32 -1.83
C TYR F 87 -15.63 13.66 -2.45
N ARG F 88 -16.70 12.95 -2.05
CA ARG F 88 -18.09 13.21 -2.50
C ARG F 88 -18.47 14.64 -2.09
N GLU F 89 -18.08 15.06 -0.86
CA GLU F 89 -18.30 16.42 -0.35
C GLU F 89 -17.57 17.47 -1.19
N LYS F 90 -16.33 17.20 -1.66
CA LYS F 90 -15.57 18.10 -2.50
C LYS F 90 -16.26 18.34 -3.86
N VAL F 91 -16.76 17.26 -4.48
CA VAL F 91 -17.43 17.26 -5.77
C VAL F 91 -18.76 18.03 -5.62
N GLU F 92 -19.45 17.79 -4.51
CA GLU F 92 -20.70 18.43 -4.14
C GLU F 92 -20.53 19.95 -4.04
N THR F 93 -19.45 20.42 -3.40
CA THR F 93 -19.11 21.83 -3.24
C THR F 93 -18.84 22.47 -4.60
N GLU F 94 -18.13 21.76 -5.50
CA GLU F 94 -17.85 22.26 -6.84
C GLU F 94 -19.14 22.39 -7.65
N LEU F 95 -20.04 21.39 -7.55
CA LEU F 95 -21.34 21.35 -8.22
C LEU F 95 -22.21 22.50 -7.73
N GLN F 96 -22.23 22.73 -6.41
CA GLN F 96 -22.97 23.82 -5.78
C GLN F 96 -22.54 25.19 -6.29
N GLY F 97 -21.22 25.39 -6.45
CA GLY F 97 -20.65 26.60 -6.97
C GLY F 97 -21.03 26.87 -8.43
N VAL F 98 -21.10 25.83 -9.26
CA VAL F 98 -21.49 25.97 -10.66
C VAL F 98 -22.99 26.35 -10.74
N CYS F 99 -23.83 25.69 -9.95
CA CYS F 99 -25.27 25.97 -9.88
C CYS F 99 -25.51 27.40 -9.40
N ASP F 100 -24.80 27.82 -8.34
CA ASP F 100 -24.87 29.18 -7.81
C ASP F 100 -24.42 30.23 -8.83
N THR F 101 -23.45 29.90 -9.69
CA THR F 101 -22.97 30.77 -10.76
C THR F 101 -24.08 30.97 -11.82
N VAL F 102 -24.66 29.87 -12.33
CA VAL F 102 -25.73 29.88 -13.32
C VAL F 102 -26.92 30.68 -12.76
N LEU F 103 -27.36 30.34 -11.53
CA LEU F 103 -28.47 31.00 -10.84
C LEU F 103 -28.23 32.48 -10.63
N GLY F 104 -26.98 32.86 -10.34
CA GLY F 104 -26.58 34.26 -10.22
C GLY F 104 -26.70 34.99 -11.54
N LEU F 105 -26.27 34.34 -12.66
CA LEU F 105 -26.37 34.91 -14.01
C LEU F 105 -27.84 35.08 -14.41
N LEU F 106 -28.67 34.06 -14.15
CA LEU F 106 -30.09 34.07 -14.47
C LEU F 106 -30.81 35.19 -13.73
N ASP F 107 -30.50 35.37 -12.43
CA ASP F 107 -31.18 36.38 -11.61
C ASP F 107 -30.67 37.78 -11.83
N SER F 108 -29.38 37.96 -12.06
CA SER F 108 -28.89 39.31 -12.24
C SER F 108 -28.85 39.80 -13.71
N HIS F 109 -28.98 38.89 -14.70
CA HIS F 109 -28.86 39.34 -16.09
C HIS F 109 -29.87 38.82 -17.07
N LEU F 110 -30.21 37.54 -17.01
CA LEU F 110 -31.01 36.89 -18.05
C LEU F 110 -32.52 36.90 -17.90
N ILE F 111 -33.07 36.58 -16.73
CA ILE F 111 -34.53 36.52 -16.54
C ILE F 111 -35.13 37.93 -16.67
N LYS F 112 -34.55 38.91 -15.97
CA LYS F 112 -35.04 40.29 -16.03
C LYS F 112 -35.04 40.88 -17.46
N GLU F 113 -33.89 40.79 -18.16
CA GLU F 113 -33.65 41.36 -19.49
C GLU F 113 -34.26 40.56 -20.67
N ALA F 114 -34.95 39.42 -20.42
CA ALA F 114 -35.57 38.62 -21.48
C ALA F 114 -36.78 39.34 -22.17
N GLY F 115 -36.70 39.47 -23.49
CA GLY F 115 -37.75 40.08 -24.30
C GLY F 115 -38.95 39.18 -24.47
N ASP F 116 -38.88 38.26 -25.46
CA ASP F 116 -39.94 37.31 -25.84
C ASP F 116 -40.28 36.27 -24.77
N ALA F 117 -41.38 35.58 -24.99
CA ALA F 117 -41.89 34.57 -24.09
C ALA F 117 -41.01 33.30 -24.10
N GLU F 118 -40.50 32.92 -25.28
CA GLU F 118 -39.64 31.76 -25.51
C GLU F 118 -38.35 31.86 -24.70
N SER F 119 -37.71 33.04 -24.72
CA SER F 119 -36.47 33.28 -23.99
C SER F 119 -36.77 33.31 -22.49
N ARG F 120 -37.95 33.81 -22.09
CA ARG F 120 -38.42 33.84 -20.69
C ARG F 120 -38.61 32.42 -20.13
N VAL F 121 -39.28 31.55 -20.89
CA VAL F 121 -39.55 30.17 -20.53
C VAL F 121 -38.22 29.44 -20.44
N PHE F 122 -37.33 29.67 -21.45
CA PHE F 122 -35.99 29.07 -21.50
C PHE F 122 -35.21 29.32 -20.23
N TYR F 123 -35.15 30.60 -19.79
CA TYR F 123 -34.40 31.01 -18.59
C TYR F 123 -35.03 30.57 -17.30
N LEU F 124 -36.39 30.60 -17.22
CA LEU F 124 -37.10 30.12 -16.04
C LEU F 124 -36.98 28.59 -15.86
N LYS F 125 -36.93 27.84 -16.98
CA LYS F 125 -36.73 26.39 -16.98
C LYS F 125 -35.32 26.10 -16.48
N MET F 126 -34.35 26.88 -16.99
CA MET F 126 -32.94 26.77 -16.59
C MET F 126 -32.81 27.02 -15.07
N LYS F 127 -33.57 27.99 -14.54
CA LYS F 127 -33.58 28.34 -13.11
C LYS F 127 -34.10 27.17 -12.28
N GLY F 128 -35.16 26.52 -12.76
CA GLY F 128 -35.77 25.35 -12.14
C GLY F 128 -34.82 24.18 -12.15
N ASP F 129 -34.12 23.97 -13.31
CA ASP F 129 -33.12 22.92 -13.51
C ASP F 129 -31.95 23.03 -12.53
N TYR F 130 -31.36 24.21 -12.39
CA TYR F 130 -30.18 24.37 -11.53
C TYR F 130 -30.54 24.34 -10.07
N TYR F 131 -31.76 24.75 -9.72
CA TYR F 131 -32.23 24.59 -8.33
C TYR F 131 -32.50 23.09 -8.07
N ARG F 132 -32.98 22.36 -9.10
CA ARG F 132 -33.24 20.91 -9.03
C ARG F 132 -31.91 20.17 -8.84
N TYR F 133 -30.83 20.61 -9.53
CA TYR F 133 -29.50 19.98 -9.38
C TYR F 133 -28.97 20.22 -7.98
N LEU F 134 -29.20 21.42 -7.44
CA LEU F 134 -28.83 21.73 -6.05
C LEU F 134 -29.62 20.84 -5.06
N ALA F 135 -30.92 20.58 -5.35
CA ALA F 135 -31.80 19.75 -4.53
C ALA F 135 -31.38 18.28 -4.50
N GLU F 136 -30.74 17.80 -5.57
CA GLU F 136 -30.24 16.42 -5.67
C GLU F 136 -29.15 16.10 -4.63
N VAL F 137 -28.40 17.14 -4.17
CA VAL F 137 -27.25 17.04 -3.26
C VAL F 137 -27.49 17.77 -1.92
N ALA F 138 -28.56 18.59 -1.82
CA ALA F 138 -28.91 19.32 -0.57
C ALA F 138 -29.54 18.36 0.46
N THR F 139 -29.53 18.73 1.77
CA THR F 139 -30.05 17.82 2.81
C THR F 139 -31.15 18.32 3.76
N GLY F 140 -30.94 19.46 4.46
CA GLY F 140 -31.87 19.82 5.54
C GLY F 140 -33.00 20.77 5.22
N ASP F 141 -32.98 21.93 5.90
CA ASP F 141 -33.93 23.02 5.71
C ASP F 141 -33.58 23.76 4.42
N ASP F 142 -32.29 23.71 4.07
CA ASP F 142 -31.75 24.28 2.84
C ASP F 142 -32.38 23.56 1.66
N LYS F 143 -32.44 22.21 1.72
CA LYS F 143 -33.08 21.38 0.68
C LYS F 143 -34.53 21.81 0.44
N LYS F 144 -35.30 22.06 1.55
CA LYS F 144 -36.69 22.50 1.50
C LYS F 144 -36.84 23.84 0.76
N ARG F 145 -35.97 24.81 1.07
CA ARG F 145 -35.92 26.12 0.45
C ARG F 145 -35.60 25.99 -1.05
N ILE F 146 -34.62 25.15 -1.38
CA ILE F 146 -34.20 24.84 -2.77
C ILE F 146 -35.35 24.20 -3.57
N ILE F 147 -36.04 23.20 -2.98
CA ILE F 147 -37.19 22.53 -3.62
C ILE F 147 -38.30 23.54 -3.95
N ASP F 148 -38.57 24.47 -3.01
CA ASP F 148 -39.57 25.52 -3.17
C ASP F 148 -39.19 26.47 -4.32
N SER F 149 -37.90 26.89 -4.38
CA SER F 149 -37.36 27.76 -5.42
C SER F 149 -37.44 27.12 -6.80
N ALA F 150 -37.14 25.82 -6.89
CA ALA F 150 -37.21 25.01 -8.11
C ALA F 150 -38.64 24.96 -8.58
N ARG F 151 -39.57 24.63 -7.67
CA ARG F 151 -41.01 24.56 -7.97
C ARG F 151 -41.56 25.87 -8.52
N SER F 152 -41.22 27.02 -7.87
CA SER F 152 -41.63 28.38 -8.28
C SER F 152 -41.14 28.78 -9.69
N ALA F 153 -39.87 28.49 -10.00
CA ALA F 153 -39.28 28.79 -11.31
C ALA F 153 -40.02 28.00 -12.40
N TYR F 154 -40.20 26.68 -12.17
CA TYR F 154 -40.90 25.79 -13.10
C TYR F 154 -42.33 26.18 -13.35
N GLN F 155 -43.09 26.52 -12.26
CA GLN F 155 -44.48 26.93 -12.33
C GLN F 155 -44.62 28.25 -13.13
N GLU F 156 -43.74 29.24 -12.87
CA GLU F 156 -43.77 30.50 -13.62
C GLU F 156 -43.59 30.24 -15.12
N ALA F 157 -42.66 29.35 -15.45
CA ALA F 157 -42.35 28.94 -16.82
C ALA F 157 -43.50 28.19 -17.46
N MET F 158 -44.17 27.31 -16.72
CA MET F 158 -45.35 26.54 -17.16
C MET F 158 -46.50 27.49 -17.51
N ASP F 159 -46.79 28.46 -16.63
CA ASP F 159 -47.83 29.48 -16.83
C ASP F 159 -47.59 30.22 -18.15
N ILE F 160 -46.33 30.67 -18.40
CA ILE F 160 -45.99 31.37 -19.63
C ILE F 160 -46.11 30.45 -20.85
N SER F 161 -45.55 29.24 -20.79
CA SER F 161 -45.56 28.31 -21.91
C SER F 161 -46.95 27.85 -22.31
N LYS F 162 -47.86 27.64 -21.33
CA LYS F 162 -49.25 27.23 -21.62
C LYS F 162 -50.05 28.33 -22.34
N LYS F 163 -49.75 29.61 -22.00
CA LYS F 163 -50.37 30.80 -22.58
C LYS F 163 -49.73 31.25 -23.89
N GLU F 164 -48.41 31.09 -24.05
CA GLU F 164 -47.70 31.66 -25.20
C GLU F 164 -47.12 30.67 -26.24
N MET F 165 -46.97 29.40 -25.91
CA MET F 165 -46.35 28.46 -26.84
C MET F 165 -47.28 27.32 -27.22
N PRO F 166 -47.16 26.74 -28.45
CA PRO F 166 -48.01 25.59 -28.80
C PRO F 166 -47.59 24.34 -28.00
N PRO F 167 -48.50 23.36 -27.74
CA PRO F 167 -48.13 22.17 -26.94
C PRO F 167 -47.01 21.29 -27.52
N THR F 168 -46.66 21.48 -28.80
CA THR F 168 -45.60 20.75 -29.51
C THR F 168 -44.25 21.49 -29.47
N ASN F 169 -44.21 22.72 -28.98
CA ASN F 169 -42.98 23.49 -28.88
C ASN F 169 -41.92 22.72 -28.02
N PRO F 170 -40.69 22.51 -28.53
CA PRO F 170 -39.68 21.76 -27.76
C PRO F 170 -39.27 22.38 -26.42
N ILE F 171 -39.31 23.72 -26.29
CA ILE F 171 -38.94 24.35 -25.01
C ILE F 171 -40.04 24.03 -23.99
N ARG F 172 -41.32 24.11 -24.44
CA ARG F 172 -42.49 23.80 -23.63
C ARG F 172 -42.46 22.31 -23.19
N LEU F 173 -42.19 21.40 -24.15
CA LEU F 173 -42.09 19.96 -23.94
C LEU F 173 -40.96 19.60 -22.96
N GLY F 174 -39.76 20.21 -23.15
CA GLY F 174 -38.57 20.02 -22.33
C GLY F 174 -38.79 20.49 -20.90
N LEU F 175 -39.56 21.60 -20.77
CA LEU F 175 -39.90 22.18 -19.48
C LEU F 175 -40.85 21.26 -18.72
N ALA F 176 -41.92 20.80 -19.39
CA ALA F 176 -42.89 19.89 -18.81
C ALA F 176 -42.19 18.57 -18.40
N LEU F 177 -41.25 18.06 -19.23
CA LEU F 177 -40.44 16.87 -18.93
C LEU F 177 -39.64 17.03 -17.63
N ASN F 178 -38.89 18.13 -17.51
CA ASN F 178 -38.05 18.42 -16.35
C ASN F 178 -38.84 18.66 -15.08
N PHE F 179 -39.99 19.38 -15.19
CA PHE F 179 -40.86 19.65 -14.06
C PHE F 179 -41.47 18.34 -13.55
N SER F 180 -41.78 17.41 -14.45
CA SER F 180 -42.33 16.11 -14.08
C SER F 180 -41.23 15.27 -13.41
N VAL F 181 -39.93 15.42 -13.85
CA VAL F 181 -38.77 14.76 -13.24
C VAL F 181 -38.62 15.33 -11.81
N PHE F 182 -38.77 16.66 -11.66
CA PHE F 182 -38.74 17.36 -10.40
C PHE F 182 -39.81 16.78 -9.47
N HIS F 183 -41.08 16.72 -9.95
CA HIS F 183 -42.16 16.15 -9.15
C HIS F 183 -41.83 14.73 -8.64
N TYR F 184 -41.39 13.82 -9.53
CA TYR F 184 -41.12 12.46 -9.20
C TYR F 184 -39.90 12.25 -8.29
N GLU F 185 -38.74 12.80 -8.68
CA GLU F 185 -37.45 12.62 -8.05
C GLU F 185 -37.15 13.53 -6.88
N ILE F 186 -37.64 14.77 -6.93
CA ILE F 186 -37.26 15.76 -5.93
C ILE F 186 -38.34 15.97 -4.91
N ALA F 187 -39.55 16.30 -5.40
CA ALA F 187 -40.72 16.59 -4.59
C ALA F 187 -41.43 15.34 -4.07
N ASN F 188 -41.00 14.14 -4.51
CA ASN F 188 -41.60 12.86 -4.13
C ASN F 188 -43.15 12.87 -4.32
N SER F 189 -43.59 13.31 -5.53
CA SER F 189 -45.00 13.39 -5.91
C SER F 189 -45.10 12.63 -7.21
N PRO F 190 -45.03 11.27 -7.17
CA PRO F 190 -45.14 10.50 -8.42
C PRO F 190 -46.42 10.76 -9.19
N GLU F 191 -47.52 11.01 -8.49
CA GLU F 191 -48.82 11.30 -9.12
C GLU F 191 -48.78 12.58 -9.93
N GLU F 192 -48.22 13.68 -9.36
CA GLU F 192 -48.05 14.98 -10.06
C GLU F 192 -47.19 14.82 -11.32
N ALA F 193 -46.09 14.02 -11.24
CA ALA F 193 -45.15 13.71 -12.31
C ALA F 193 -45.84 12.98 -13.45
N ILE F 194 -46.55 11.86 -13.14
CA ILE F 194 -47.26 11.01 -14.10
C ILE F 194 -48.34 11.82 -14.81
N SER F 195 -49.15 12.54 -14.03
CA SER F 195 -50.22 13.40 -14.53
C SER F 195 -49.66 14.44 -15.50
N LEU F 196 -48.59 15.18 -15.06
CA LEU F 196 -47.97 16.19 -15.89
C LEU F 196 -47.40 15.60 -17.20
N ALA F 197 -46.68 14.49 -17.10
CA ALA F 197 -46.08 13.81 -18.25
C ALA F 197 -47.14 13.31 -19.24
N LYS F 198 -48.26 12.66 -18.74
CA LYS F 198 -49.41 12.18 -19.56
C LYS F 198 -50.07 13.33 -20.31
N THR F 199 -50.44 14.40 -19.58
CA THR F 199 -51.09 15.59 -20.13
C THR F 199 -50.26 16.25 -21.24
N THR F 200 -48.96 16.42 -20.98
CA THR F 200 -48.03 17.03 -21.93
C THR F 200 -47.97 16.18 -23.20
N PHE F 201 -47.82 14.87 -23.01
CA PHE F 201 -47.72 13.93 -24.09
C PHE F 201 -49.00 13.92 -24.94
N ASP F 202 -50.19 13.83 -24.29
CA ASP F 202 -51.50 13.81 -24.93
C ASP F 202 -51.78 15.09 -25.73
N GLU F 203 -51.47 16.26 -25.16
CA GLU F 203 -51.66 17.56 -25.80
C GLU F 203 -50.73 17.74 -27.02
N ALA F 204 -49.52 17.20 -26.94
CA ALA F 204 -48.55 17.26 -28.03
C ALA F 204 -48.96 16.28 -29.11
N MET F 205 -49.46 15.11 -28.72
CA MET F 205 -49.91 14.07 -29.63
C MET F 205 -51.11 14.54 -30.50
N ALA F 206 -52.03 15.29 -29.91
CA ALA F 206 -53.19 15.85 -30.62
C ALA F 206 -52.80 16.83 -31.75
N ASP F 207 -51.63 17.51 -31.60
CA ASP F 207 -51.11 18.50 -32.55
C ASP F 207 -49.97 17.99 -33.46
N LEU F 208 -49.62 16.70 -33.35
CA LEU F 208 -48.52 16.05 -34.08
C LEU F 208 -48.48 16.36 -35.58
N HIS F 209 -49.63 16.18 -36.24
CA HIS F 209 -49.84 16.34 -37.69
C HIS F 209 -49.57 17.75 -38.22
N THR F 210 -49.59 18.77 -37.35
CA THR F 210 -49.38 20.17 -37.71
C THR F 210 -47.89 20.59 -37.75
N LEU F 211 -47.05 20.04 -36.83
CA LEU F 211 -45.62 20.29 -36.55
C LEU F 211 -44.71 20.81 -37.71
N SER F 212 -43.70 21.65 -37.35
CA SER F 212 -42.72 22.27 -38.26
C SER F 212 -41.39 21.50 -38.38
N GLU F 213 -40.77 21.55 -39.59
CA GLU F 213 -39.51 20.92 -40.00
C GLU F 213 -38.35 21.10 -39.00
N ASP F 214 -38.19 22.32 -38.43
CA ASP F 214 -37.11 22.67 -37.48
C ASP F 214 -37.28 21.95 -36.13
N SER F 215 -38.51 21.99 -35.58
CA SER F 215 -38.85 21.48 -34.26
C SER F 215 -39.29 20.01 -34.17
N TYR F 216 -39.87 19.42 -35.25
CA TYR F 216 -40.46 18.08 -35.22
C TYR F 216 -39.55 16.96 -34.68
N LYS F 217 -38.26 16.90 -35.07
CA LYS F 217 -37.37 15.84 -34.58
C LYS F 217 -37.10 16.02 -33.08
N ASP F 218 -36.87 17.28 -32.66
CA ASP F 218 -36.61 17.68 -31.28
C ASP F 218 -37.83 17.47 -30.39
N SER F 219 -39.04 17.69 -30.96
CA SER F 219 -40.30 17.54 -30.25
C SER F 219 -40.62 16.08 -29.98
N THR F 220 -40.57 15.23 -31.04
CA THR F 220 -40.87 13.80 -30.97
C THR F 220 -39.85 13.09 -30.08
N LEU F 221 -38.59 13.58 -30.03
CA LEU F 221 -37.57 13.02 -29.16
C LEU F 221 -37.96 13.24 -27.70
N ILE F 222 -38.30 14.48 -27.35
CA ILE F 222 -38.76 14.79 -25.99
C ILE F 222 -40.02 14.01 -25.70
N MET F 223 -40.89 13.84 -26.72
CA MET F 223 -42.12 13.06 -26.58
C MET F 223 -41.83 11.61 -26.22
N GLN F 224 -40.77 11.02 -26.84
CA GLN F 224 -40.27 9.67 -26.56
C GLN F 224 -39.84 9.61 -25.08
N LEU F 225 -39.06 10.62 -24.61
CA LEU F 225 -38.58 10.73 -23.23
C LEU F 225 -39.70 10.77 -22.22
N LEU F 226 -40.80 11.51 -22.54
CA LEU F 226 -41.99 11.64 -21.70
C LEU F 226 -42.64 10.26 -21.56
N ARG F 227 -42.71 9.49 -22.67
CA ARG F 227 -43.26 8.15 -22.76
C ARG F 227 -42.36 7.13 -22.01
N ASP F 228 -41.02 7.24 -22.16
CA ASP F 228 -40.06 6.35 -21.46
C ASP F 228 -40.16 6.55 -19.95
N ASN F 229 -40.23 7.84 -19.51
CA ASN F 229 -40.35 8.17 -18.10
C ASN F 229 -41.66 7.65 -17.51
N LEU F 230 -42.78 7.74 -18.28
CA LEU F 230 -44.08 7.21 -17.85
C LEU F 230 -44.04 5.69 -17.68
N THR F 231 -43.35 4.99 -18.60
CA THR F 231 -43.19 3.54 -18.55
C THR F 231 -42.47 3.16 -17.24
N LEU F 232 -41.44 3.94 -16.92
CA LEU F 232 -40.59 3.80 -15.75
C LEU F 232 -41.29 4.14 -14.44
N TRP F 233 -42.17 5.15 -14.44
CA TRP F 233 -42.85 5.64 -13.24
C TRP F 233 -44.18 5.03 -12.88
N THR F 234 -45.01 4.72 -13.89
CA THR F 234 -46.36 4.20 -13.63
C THR F 234 -46.31 2.82 -12.95
N ARG G 1 -4.92 8.81 -37.33
CA ARG G 1 -3.76 9.30 -36.61
C ARG G 1 -2.90 8.15 -36.12
N ARG G 2 -1.55 8.32 -36.21
CA ARG G 2 -0.56 7.36 -35.72
C ARG G 2 -0.80 7.03 -34.22
N ALA G 3 -0.39 5.83 -33.83
CA ALA G 3 -0.55 5.36 -32.48
C ALA G 3 0.70 5.58 -31.63
N ALA G 5 1.91 4.56 -27.37
CA ALA G 5 1.66 3.51 -26.40
C ALA G 5 0.39 3.71 -25.63
N PRO G 6 -0.45 2.66 -25.53
CA PRO G 6 -1.70 2.80 -24.79
C PRO G 6 -1.48 2.81 -23.27
N LEU G 7 -2.52 3.19 -22.52
CA LEU G 7 -2.43 3.30 -21.08
C LEU G 7 -2.23 1.95 -20.36
N PRO G 8 -1.35 1.89 -19.30
CA PRO G 8 -1.13 0.61 -18.59
C PRO G 8 -2.27 0.26 -17.61
N ARG H 1 -31.94 4.72 -16.22
CA ARG H 1 -32.13 6.01 -15.53
C ARG H 1 -33.12 6.87 -16.30
N ARG H 2 -33.98 7.59 -15.57
CA ARG H 2 -34.97 8.51 -16.11
C ARG H 2 -34.28 9.59 -16.96
N ALA H 3 -35.00 10.09 -17.96
CA ALA H 3 -34.49 11.11 -18.84
C ALA H 3 -34.96 12.50 -18.43
N ALA H 5 -34.64 16.69 -20.17
CA ALA H 5 -34.59 17.30 -21.49
C ALA H 5 -33.17 17.31 -22.05
N PRO H 6 -33.02 16.89 -23.33
CA PRO H 6 -31.68 16.90 -23.94
C PRO H 6 -31.21 18.31 -24.31
N LEU H 7 -29.94 18.44 -24.66
CA LEU H 7 -29.33 19.73 -24.97
C LEU H 7 -29.94 20.45 -26.19
N PRO H 8 -30.14 21.82 -26.08
CA PRO H 8 -30.70 22.57 -27.21
C PRO H 8 -29.70 22.82 -28.35
#